data_6LI6
#
_entry.id   6LI6
#
_cell.length_a   46.820
_cell.length_b   84.750
_cell.length_c   81.600
_cell.angle_alpha   90.000
_cell.angle_beta   98.170
_cell.angle_gamma   90.000
#
_symmetry.space_group_name_H-M   'P 1 21 1'
#
loop_
_entity.id
_entity.type
_entity.pdbx_description
1 polymer 'Probable phosphatidylethanolamine transferase Mcr-1'
2 non-polymer 'GOLD ION'
3 non-polymer TRIETHYLPHOSPHANE
4 water water
#
_entity_poly.entity_id   1
_entity_poly.type   'polypeptide(L)'
_entity_poly.pdbx_seq_one_letter_code
;HMLEGGSGGSGGSTIYHAKDAVQATKPDMRKPRLVVFVVGETARADHVSFNGYERDTFPQLAKIDGVTNFSNVTSCGTS
(TPO)AYSVPCMFSYLGADEYDVDTAKYQENVLDTLDRLGVSILWRDNNSDSKGVMDKLPKAQFADYKSATNNAICNTNP
YNECRDVGMLVGLDDFVAANNGKDMLIMLHQMGNHGPAYFKRYDEKFAKFTPVCEGNELAKCEHQSLINAYDNALLATDD
FIAQSIQWLQTHSNAYDVSMLYVSDHGESLGENGVYLHGMPNAFAPKEQRSVPAFFWTDKQTGITPMATDTVLTHDAITP
TLLKLFDVTADKVKDRTAFIR
;
_entity_poly.pdbx_strand_id   A,B
#
# COMPACT_ATOMS: atom_id res chain seq x y z
N THR A 14 11.26 -13.12 -17.98
CA THR A 14 9.88 -12.98 -18.46
C THR A 14 9.70 -13.46 -19.90
N ILE A 15 8.62 -14.23 -20.18
CA ILE A 15 8.28 -14.71 -21.54
C ILE A 15 7.14 -13.81 -22.03
N TYR A 16 7.36 -12.97 -23.05
CA TYR A 16 6.35 -12.00 -23.52
C TYR A 16 5.50 -12.55 -24.67
N HIS A 17 4.23 -12.13 -24.73
CA HIS A 17 3.31 -12.40 -25.88
C HIS A 17 2.60 -11.16 -26.37
N ALA A 18 2.86 -9.99 -25.80
CA ALA A 18 2.15 -8.76 -26.17
C ALA A 18 3.14 -7.60 -26.29
N LYS A 19 4.29 -7.82 -26.96
CA LYS A 19 5.19 -6.70 -27.20
C LYS A 19 4.67 -5.76 -28.28
N ASP A 20 3.72 -6.23 -29.08
CA ASP A 20 3.03 -5.44 -30.10
C ASP A 20 1.90 -4.57 -29.55
N ALA A 21 1.61 -4.64 -28.25
CA ALA A 21 0.46 -3.94 -27.73
C ALA A 21 0.63 -2.45 -27.89
N VAL A 22 -0.44 -1.75 -28.33
CA VAL A 22 -0.46 -0.29 -28.54
C VAL A 22 -1.81 0.23 -28.06
N GLN A 23 -1.86 1.43 -27.49
CA GLN A 23 -3.11 2.09 -27.04
C GLN A 23 -3.53 3.04 -28.16
N ALA A 24 -4.62 2.79 -28.88
CA ALA A 24 -5.08 3.59 -30.04
C ALA A 24 -5.37 5.04 -29.65
N THR A 25 -5.87 5.28 -28.43
CA THR A 25 -6.17 6.65 -27.91
C THR A 25 -5.59 6.77 -26.50
N LYS A 26 -5.01 7.92 -26.14
CA LYS A 26 -4.34 8.16 -24.84
C LYS A 26 -5.21 9.08 -23.97
N PRO A 27 -5.10 9.07 -22.63
CA PRO A 27 -5.93 9.93 -21.76
C PRO A 27 -5.68 11.45 -21.83
N ASP A 28 -4.63 11.92 -22.52
CA ASP A 28 -4.38 13.36 -22.74
C ASP A 28 -5.18 13.85 -23.96
N MET A 29 -5.77 12.95 -24.77
CA MET A 29 -6.55 13.30 -25.99
C MET A 29 -8.01 12.84 -25.91
N ARG A 30 -8.47 12.30 -24.78
CA ARG A 30 -9.86 11.80 -24.59
C ARG A 30 -10.12 11.56 -23.11
N LYS A 31 -11.35 11.30 -22.73
CA LYS A 31 -11.69 11.08 -21.30
C LYS A 31 -10.83 9.93 -20.76
N PRO A 32 -10.19 10.08 -19.57
CA PRO A 32 -9.44 8.98 -18.97
C PRO A 32 -10.43 7.88 -18.55
N ARG A 33 -10.01 6.63 -18.57
CA ARG A 33 -10.89 5.48 -18.23
C ARG A 33 -10.53 4.96 -16.84
N LEU A 34 -11.53 4.67 -16.00
CA LEU A 34 -11.31 4.16 -14.63
C LEU A 34 -12.16 2.88 -14.52
N VAL A 35 -11.55 1.71 -14.29
CA VAL A 35 -12.22 0.45 -14.27
C VAL A 35 -11.94 -0.27 -12.98
N VAL A 36 -12.98 -0.90 -12.41
CA VAL A 36 -12.83 -1.83 -11.29
C VAL A 36 -13.14 -3.23 -11.81
N PHE A 37 -12.21 -4.14 -11.56
CA PHE A 37 -12.37 -5.56 -11.83
C PHE A 37 -12.45 -6.26 -10.49
N VAL A 38 -13.65 -6.69 -10.12
CA VAL A 38 -13.81 -7.49 -8.92
C VAL A 38 -13.47 -8.93 -9.28
N VAL A 39 -12.41 -9.46 -8.64
CA VAL A 39 -12.04 -10.85 -8.77
C VAL A 39 -12.79 -11.62 -7.67
N GLY A 40 -13.93 -12.22 -8.04
CA GLY A 40 -14.80 -12.92 -7.09
C GLY A 40 -14.19 -14.20 -6.58
N GLU A 41 -14.81 -14.81 -5.58
CA GLU A 41 -14.27 -15.97 -4.89
C GLU A 41 -15.43 -16.90 -4.62
N THR A 42 -15.39 -18.13 -5.13
CA THR A 42 -16.31 -19.23 -4.77
C THR A 42 -17.80 -19.01 -5.15
N ALA A 43 -18.19 -18.04 -5.97
CA ALA A 43 -19.62 -17.82 -6.32
C ALA A 43 -20.05 -18.78 -7.44
N ARG A 44 -21.25 -19.38 -7.34
CA ARG A 44 -21.83 -20.31 -8.35
C ARG A 44 -22.80 -19.54 -9.25
N ALA A 45 -22.80 -19.79 -10.56
CA ALA A 45 -23.70 -19.12 -11.52
C ALA A 45 -25.15 -19.48 -11.22
N ASP A 46 -25.41 -20.73 -10.80
CA ASP A 46 -26.78 -21.23 -10.56
C ASP A 46 -27.37 -20.71 -9.24
N HIS A 47 -26.58 -20.03 -8.40
CA HIS A 47 -27.11 -19.39 -7.17
C HIS A 47 -27.36 -17.90 -7.38
N VAL A 48 -27.28 -17.39 -8.61
CA VAL A 48 -27.56 -15.95 -8.94
C VAL A 48 -29.03 -15.84 -9.37
N SER A 49 -29.78 -14.89 -8.83
CA SER A 49 -31.22 -14.63 -9.14
C SER A 49 -31.44 -14.52 -10.65
N PHE A 50 -30.56 -13.77 -11.33
CA PHE A 50 -30.60 -13.47 -12.79
C PHE A 50 -30.43 -14.72 -13.66
N ASN A 51 -29.80 -15.78 -13.13
CA ASN A 51 -29.55 -17.06 -13.85
C ASN A 51 -30.69 -18.08 -13.60
N GLY A 52 -31.72 -17.72 -12.83
CA GLY A 52 -32.87 -18.60 -12.59
C GLY A 52 -32.94 -19.18 -11.18
N TYR A 53 -32.09 -18.73 -10.26
CA TYR A 53 -32.12 -19.23 -8.85
C TYR A 53 -33.47 -18.85 -8.23
N GLU A 54 -33.98 -19.70 -7.33
CA GLU A 54 -35.25 -19.53 -6.59
C GLU A 54 -35.15 -18.44 -5.50
N ARG A 55 -33.98 -17.88 -5.17
CA ARG A 55 -33.90 -16.82 -4.14
C ARG A 55 -33.30 -15.53 -4.73
N ASP A 56 -33.70 -14.38 -4.19
CA ASP A 56 -33.20 -13.05 -4.61
C ASP A 56 -31.86 -12.82 -3.92
N THR A 57 -30.80 -13.47 -4.42
CA THR A 57 -29.43 -13.40 -3.85
C THR A 57 -28.73 -12.15 -4.35
N PHE A 58 -29.23 -11.52 -5.42
CA PHE A 58 -28.56 -10.33 -5.95
C PHE A 58 -29.50 -9.16 -6.09
N PRO A 59 -30.24 -8.49 -4.93
CA PRO A 59 -31.21 -7.39 -4.97
C PRO A 59 -30.68 -5.99 -5.31
N GLN A 60 -29.55 -5.60 -4.75
CA GLN A 60 -28.93 -4.26 -4.97
C GLN A 60 -28.45 -4.13 -6.42
N LEU A 61 -27.92 -5.19 -7.02
CA LEU A 61 -27.43 -5.18 -8.42
C LEU A 61 -28.61 -5.06 -9.37
N ALA A 62 -29.77 -5.60 -8.98
CA ALA A 62 -31.04 -5.59 -9.74
C ALA A 62 -31.61 -4.17 -9.86
N LYS A 63 -31.28 -3.27 -8.93
CA LYS A 63 -31.76 -1.86 -8.92
C LYS A 63 -30.86 -0.95 -9.78
N ILE A 64 -29.71 -1.44 -10.25
CA ILE A 64 -28.75 -0.60 -11.04
C ILE A 64 -28.97 -0.82 -12.55
N ASP A 65 -29.07 0.25 -13.35
CA ASP A 65 -29.20 0.18 -14.78
C ASP A 65 -27.83 -0.02 -15.39
N GLY A 66 -27.80 -0.74 -16.52
CA GLY A 66 -26.55 -0.90 -17.26
C GLY A 66 -25.71 -2.08 -16.81
N VAL A 67 -26.29 -3.00 -16.05
CA VAL A 67 -25.59 -4.20 -15.60
C VAL A 67 -25.99 -5.36 -16.49
N THR A 68 -25.01 -5.97 -17.15
CA THR A 68 -25.22 -7.20 -17.91
C THR A 68 -24.83 -8.40 -17.05
N ASN A 69 -25.74 -9.37 -16.98
CA ASN A 69 -25.48 -10.65 -16.34
C ASN A 69 -25.19 -11.67 -17.42
N PHE A 70 -24.10 -12.41 -17.28
CA PHE A 70 -23.70 -13.41 -18.26
C PHE A 70 -24.02 -14.79 -17.73
N SER A 71 -24.89 -15.50 -18.45
CA SER A 71 -25.47 -16.73 -17.95
C SER A 71 -24.70 -18.00 -18.31
N ASN A 72 -23.61 -17.89 -19.09
CA ASN A 72 -22.90 -19.06 -19.56
C ASN A 72 -21.40 -18.78 -19.53
N VAL A 73 -20.81 -18.83 -18.34
CA VAL A 73 -19.38 -18.53 -18.15
C VAL A 73 -18.76 -19.70 -17.42
N THR A 74 -17.66 -20.21 -17.95
CA THR A 74 -16.94 -21.36 -17.41
C THR A 74 -15.55 -20.90 -16.97
N SER A 75 -15.18 -21.24 -15.75
CA SER A 75 -13.89 -20.86 -15.19
C SER A 75 -12.79 -21.74 -15.77
N CYS A 76 -11.57 -21.18 -15.76
CA CYS A 76 -10.40 -21.94 -16.19
C CYS A 76 -10.16 -23.16 -15.32
N GLY A 77 -10.45 -23.06 -14.06
CA GLY A 77 -10.26 -24.18 -13.17
C GLY A 77 -11.10 -24.03 -11.94
N THR A 78 -10.80 -24.82 -10.92
CA THR A 78 -11.65 -24.97 -9.72
C THR A 78 -10.96 -24.51 -8.44
N SER A 79 -9.79 -23.89 -8.49
CA SER A 79 -9.04 -23.42 -7.29
C SER A 79 -8.51 -22.01 -7.54
N ALA A 81 -5.52 -20.65 -6.81
CA ALA A 81 -4.12 -20.75 -7.28
C ALA A 81 -4.12 -21.09 -8.77
N TYR A 82 -5.07 -21.89 -9.25
CA TYR A 82 -5.11 -22.24 -10.66
C TYR A 82 -5.83 -21.17 -11.48
N SER A 83 -7.03 -20.77 -11.04
CA SER A 83 -7.85 -19.89 -11.86
C SER A 83 -7.33 -18.46 -11.94
N VAL A 84 -6.88 -17.88 -10.83
CA VAL A 84 -6.60 -16.44 -10.82
C VAL A 84 -5.50 -16.09 -11.83
N PRO A 85 -4.39 -16.83 -11.90
CA PRO A 85 -3.39 -16.48 -12.93
C PRO A 85 -3.89 -16.71 -14.34
N CYS A 86 -4.78 -17.71 -14.53
CA CYS A 86 -5.35 -17.96 -15.83
CA CYS A 86 -5.36 -17.96 -15.84
C CYS A 86 -6.26 -16.83 -16.28
N MET A 87 -6.94 -16.17 -15.32
CA MET A 87 -7.86 -15.09 -15.65
C MET A 87 -7.14 -13.92 -16.29
N PHE A 88 -5.85 -13.73 -15.95
CA PHE A 88 -5.08 -12.62 -16.47
C PHE A 88 -4.05 -13.04 -17.50
N SER A 89 -4.12 -14.27 -17.97
CA SER A 89 -3.15 -14.85 -18.89
C SER A 89 -3.43 -14.51 -20.35
N TYR A 90 -2.38 -14.53 -21.17
CA TYR A 90 -2.55 -14.46 -22.61
C TYR A 90 -2.79 -15.84 -23.23
N LEU A 91 -2.58 -16.92 -22.48
CA LEU A 91 -2.47 -18.23 -23.11
C LEU A 91 -3.79 -18.93 -23.33
N GLY A 92 -4.83 -18.55 -22.59
CA GLY A 92 -6.07 -19.28 -22.64
C GLY A 92 -6.01 -20.62 -21.92
N ALA A 93 -7.20 -21.09 -21.51
CA ALA A 93 -7.25 -22.29 -20.70
C ALA A 93 -6.55 -23.50 -21.34
N ASP A 94 -6.59 -23.62 -22.66
CA ASP A 94 -6.08 -24.85 -23.27
C ASP A 94 -4.57 -24.91 -23.24
N GLU A 95 -3.90 -23.76 -23.32
CA GLU A 95 -2.45 -23.66 -23.33
C GLU A 95 -1.89 -23.19 -21.99
N TYR A 96 -2.74 -22.83 -21.03
CA TYR A 96 -2.27 -22.30 -19.76
C TYR A 96 -1.50 -23.34 -18.96
N ASP A 97 -0.41 -22.93 -18.32
CA ASP A 97 0.36 -23.78 -17.42
C ASP A 97 0.50 -23.06 -16.09
N VAL A 98 -0.12 -23.59 -15.05
CA VAL A 98 -0.11 -22.90 -13.76
C VAL A 98 1.32 -22.78 -13.23
N ASP A 99 2.18 -23.75 -13.53
CA ASP A 99 3.48 -23.75 -12.88
C ASP A 99 4.43 -22.69 -13.45
N THR A 100 4.20 -22.23 -14.68
CA THR A 100 5.06 -21.21 -15.25
C THR A 100 4.31 -19.90 -15.49
N ALA A 101 3.09 -19.79 -14.96
CA ALA A 101 2.30 -18.58 -15.20
C ALA A 101 3.02 -17.33 -14.68
N LYS A 102 3.74 -17.48 -13.57
CA LYS A 102 4.35 -16.34 -12.87
C LYS A 102 5.40 -15.64 -13.73
N TYR A 103 5.96 -16.36 -14.69
CA TYR A 103 7.04 -15.84 -15.51
C TYR A 103 6.57 -15.36 -16.86
N GLN A 104 5.27 -15.53 -17.15
CA GLN A 104 4.68 -15.02 -18.37
C GLN A 104 4.25 -13.56 -18.20
N GLU A 105 4.48 -12.76 -19.24
CA GLU A 105 3.81 -11.48 -19.34
C GLU A 105 2.31 -11.72 -19.23
N ASN A 106 1.64 -11.00 -18.34
CA ASN A 106 0.19 -11.09 -18.26
C ASN A 106 -0.45 -9.73 -18.61
N VAL A 107 -1.79 -9.69 -18.66
CA VAL A 107 -2.46 -8.52 -19.20
C VAL A 107 -2.18 -7.29 -18.35
N LEU A 108 -1.94 -7.45 -17.05
CA LEU A 108 -1.63 -6.32 -16.20
C LEU A 108 -0.22 -5.80 -16.45
N ASP A 109 0.74 -6.69 -16.70
CA ASP A 109 2.06 -6.22 -17.12
C ASP A 109 1.93 -5.33 -18.36
N THR A 110 1.14 -5.78 -19.34
CA THR A 110 1.01 -5.04 -20.59
C THR A 110 0.39 -3.66 -20.33
N LEU A 111 -0.75 -3.62 -19.63
CA LEU A 111 -1.37 -2.34 -19.36
C LEU A 111 -0.46 -1.42 -18.56
N ASP A 112 0.31 -1.97 -17.62
CA ASP A 112 1.19 -1.12 -16.83
C ASP A 112 2.28 -0.53 -17.71
N ARG A 113 2.84 -1.35 -18.60
CA ARG A 113 3.86 -0.85 -19.53
C ARG A 113 3.31 0.29 -20.39
N LEU A 114 2.03 0.21 -20.78
CA LEU A 114 1.39 1.26 -21.57
C LEU A 114 0.92 2.46 -20.77
N GLY A 115 1.17 2.52 -19.48
CA GLY A 115 0.89 3.68 -18.68
C GLY A 115 -0.41 3.64 -17.92
N VAL A 116 -1.16 2.55 -18.01
CA VAL A 116 -2.34 2.41 -17.17
C VAL A 116 -1.92 2.18 -15.72
N SER A 117 -2.54 2.91 -14.79
CA SER A 117 -2.17 2.78 -13.40
C SER A 117 -2.87 1.55 -12.81
N ILE A 118 -2.10 0.57 -12.35
CA ILE A 118 -2.64 -0.72 -11.91
C ILE A 118 -2.59 -0.78 -10.38
N LEU A 119 -3.74 -1.07 -9.76
CA LEU A 119 -3.85 -1.23 -8.31
C LEU A 119 -4.49 -2.58 -8.04
N TRP A 120 -3.96 -3.34 -7.06
CA TRP A 120 -4.49 -4.65 -6.67
C TRP A 120 -4.72 -4.65 -5.15
N ARG A 121 -5.97 -4.58 -4.68
CA ARG A 121 -6.31 -4.69 -3.27
C ARG A 121 -6.86 -6.08 -3.01
N ASP A 122 -6.50 -6.64 -1.85
CA ASP A 122 -6.77 -8.06 -1.55
C ASP A 122 -7.36 -8.35 -0.17
N ASN A 123 -8.57 -8.90 -0.11
CA ASN A 123 -9.20 -9.32 1.16
C ASN A 123 -9.41 -10.85 1.11
N ASN A 124 -8.58 -11.56 0.32
CA ASN A 124 -8.69 -13.01 0.05
C ASN A 124 -7.42 -13.75 0.51
N SER A 125 -6.27 -13.44 -0.09
CA SER A 125 -4.96 -14.05 0.22
C SER A 125 -3.87 -13.17 -0.43
N ASP A 126 -3.65 -13.26 -1.74
CA ASP A 126 -2.66 -12.48 -2.51
C ASP A 126 -2.97 -12.66 -4.00
N SER A 127 -2.22 -12.02 -4.89
CA SER A 127 -2.51 -12.04 -6.36
C SER A 127 -2.23 -13.39 -7.03
N LYS A 128 -1.61 -14.38 -6.37
CA LYS A 128 -1.33 -15.74 -6.86
C LYS A 128 -0.31 -15.63 -7.98
N GLY A 129 0.59 -14.65 -7.89
CA GLY A 129 1.61 -14.44 -8.90
C GLY A 129 1.38 -13.31 -9.84
N VAL A 130 0.14 -12.92 -9.96
CA VAL A 130 -0.19 -12.01 -11.07
C VAL A 130 0.52 -10.66 -10.97
N MET A 131 0.67 -10.14 -9.77
CA MET A 131 1.24 -8.82 -9.54
C MET A 131 2.75 -8.86 -9.31
N ASP A 132 3.38 -10.03 -9.44
CA ASP A 132 4.73 -10.20 -8.91
C ASP A 132 5.78 -9.38 -9.64
N LYS A 133 5.60 -9.11 -10.93
CA LYS A 133 6.58 -8.37 -11.70
C LYS A 133 6.47 -6.87 -11.51
N LEU A 134 5.38 -6.41 -10.88
CA LEU A 134 5.09 -5.00 -10.72
C LEU A 134 5.52 -4.52 -9.34
N PRO A 135 5.76 -3.23 -9.18
CA PRO A 135 6.20 -2.71 -7.88
C PRO A 135 5.25 -3.14 -6.77
N LYS A 136 5.83 -3.52 -5.64
CA LYS A 136 4.99 -4.00 -4.56
C LYS A 136 4.06 -2.92 -4.04
N ALA A 137 4.38 -1.64 -4.26
CA ALA A 137 3.52 -0.57 -3.78
C ALA A 137 2.16 -0.64 -4.42
N GLN A 138 2.04 -1.35 -5.55
CA GLN A 138 0.78 -1.44 -6.29
C GLN A 138 -0.11 -2.57 -5.80
N PHE A 139 0.38 -3.37 -4.84
CA PHE A 139 -0.41 -4.44 -4.20
C PHE A 139 -0.64 -4.03 -2.74
N ALA A 140 -1.88 -4.12 -2.23
CA ALA A 140 -2.17 -3.85 -0.83
C ALA A 140 -3.00 -4.96 -0.20
N ASP A 141 -2.66 -5.35 1.04
CA ASP A 141 -3.32 -6.43 1.80
C ASP A 141 -4.48 -5.81 2.60
N TYR A 142 -5.72 -6.08 2.23
CA TYR A 142 -6.96 -5.59 2.90
C TYR A 142 -7.58 -6.65 3.83
N LYS A 143 -6.83 -7.70 4.17
CA LYS A 143 -7.23 -8.70 5.19
C LYS A 143 -6.86 -8.23 6.59
N SER A 144 -6.07 -7.15 6.73
CA SER A 144 -5.54 -6.67 7.98
C SER A 144 -6.07 -5.26 8.23
N ALA A 145 -6.33 -4.93 9.48
CA ALA A 145 -6.81 -3.59 9.78
C ALA A 145 -5.77 -2.52 9.59
N THR A 146 -4.51 -2.84 9.32
CA THR A 146 -3.49 -1.82 8.96
C THR A 146 -3.99 -1.05 7.72
N ASN A 147 -4.75 -1.71 6.85
CA ASN A 147 -5.33 -1.10 5.62
C ASN A 147 -6.86 -1.05 5.67
N ASN A 148 -7.52 -2.16 6.04
CA ASN A 148 -9.00 -2.27 6.05
C ASN A 148 -9.61 -1.62 7.31
N ALA A 149 -10.46 -0.60 7.14
CA ALA A 149 -11.14 0.11 8.26
C ALA A 149 -12.49 -0.54 8.59
N ILE A 150 -12.91 -1.57 7.85
CA ILE A 150 -14.21 -2.26 8.07
C ILE A 150 -14.00 -3.72 8.46
N CYS A 151 -13.47 -3.96 9.66
CA CYS A 151 -13.32 -5.31 10.21
C CYS A 151 -14.14 -5.52 11.48
N ASN A 152 -14.42 -4.48 12.25
CA ASN A 152 -15.06 -4.62 13.56
C ASN A 152 -16.57 -4.51 13.46
N THR A 153 -17.14 -5.20 12.48
CA THR A 153 -18.56 -5.15 12.17
C THR A 153 -19.23 -6.48 12.41
N ASN A 154 -18.51 -7.42 13.02
CA ASN A 154 -18.95 -8.79 13.17
C ASN A 154 -18.19 -9.40 14.34
N PRO A 155 -18.69 -10.49 14.91
CA PRO A 155 -18.06 -11.03 16.12
C PRO A 155 -16.67 -11.61 15.90
N TYR A 156 -16.26 -11.80 14.63
CA TYR A 156 -14.96 -12.39 14.30
C TYR A 156 -13.89 -11.35 14.02
N ASN A 157 -14.26 -10.07 13.93
CA ASN A 157 -13.34 -8.95 13.59
C ASN A 157 -12.72 -9.30 12.23
N GLU A 158 -13.51 -9.91 11.34
CA GLU A 158 -13.05 -10.32 9.98
C GLU A 158 -13.18 -9.12 9.02
N CYS A 159 -12.09 -8.71 8.35
CA CYS A 159 -12.04 -7.58 7.39
C CYS A 159 -13.01 -7.86 6.23
N ARG A 160 -13.88 -6.90 5.87
CA ARG A 160 -14.94 -7.06 4.85
C ARG A 160 -14.48 -6.51 3.50
N ASP A 161 -15.07 -7.01 2.41
CA ASP A 161 -14.76 -6.62 1.01
C ASP A 161 -15.01 -5.12 0.82
N VAL A 162 -16.08 -4.57 1.42
CA VAL A 162 -16.49 -3.13 1.32
C VAL A 162 -15.36 -2.21 1.79
N GLY A 163 -14.49 -2.69 2.69
CA GLY A 163 -13.30 -1.95 3.18
C GLY A 163 -12.31 -1.63 2.07
N MET A 164 -12.26 -2.42 0.99
CA MET A 164 -11.41 -2.21 -0.20
C MET A 164 -11.88 -1.00 -1.02
N LEU A 165 -13.08 -0.48 -0.84
CA LEU A 165 -13.56 0.75 -1.54
C LEU A 165 -13.09 2.01 -0.80
N VAL A 166 -12.84 1.90 0.51
CA VAL A 166 -12.44 3.04 1.37
C VAL A 166 -11.10 3.63 0.89
N GLY A 167 -11.04 4.94 0.61
CA GLY A 167 -9.78 5.59 0.23
C GLY A 167 -9.48 5.47 -1.26
N LEU A 168 -10.37 4.93 -2.10
CA LEU A 168 -10.05 4.89 -3.53
C LEU A 168 -10.05 6.29 -4.14
N ASP A 169 -10.75 7.25 -3.53
CA ASP A 169 -10.73 8.60 -4.11
C ASP A 169 -9.34 9.19 -4.06
N ASP A 170 -8.60 8.88 -2.99
CA ASP A 170 -7.23 9.36 -2.86
C ASP A 170 -6.35 8.76 -3.95
N PHE A 171 -6.55 7.48 -4.26
CA PHE A 171 -5.81 6.79 -5.33
C PHE A 171 -6.11 7.53 -6.64
N VAL A 172 -7.39 7.82 -6.89
CA VAL A 172 -7.86 8.53 -8.11
C VAL A 172 -7.22 9.92 -8.16
N ALA A 173 -7.15 10.62 -7.03
CA ALA A 173 -6.60 11.98 -6.90
C ALA A 173 -5.11 11.94 -7.24
N ALA A 174 -4.41 10.90 -6.79
CA ALA A 174 -2.98 10.72 -7.01
C ALA A 174 -2.66 10.27 -8.43
N ASN A 175 -3.65 9.78 -9.17
CA ASN A 175 -3.45 9.37 -10.56
C ASN A 175 -4.28 10.24 -11.49
N ASN A 176 -4.59 11.45 -11.03
CA ASN A 176 -5.49 12.33 -11.75
C ASN A 176 -5.14 12.38 -13.23
N GLY A 177 -6.10 12.01 -14.08
CA GLY A 177 -5.96 12.11 -15.51
C GLY A 177 -5.41 10.91 -16.22
N LYS A 178 -4.92 9.90 -15.50
CA LYS A 178 -4.36 8.68 -16.12
C LYS A 178 -5.47 7.65 -16.22
N ASP A 179 -5.28 6.65 -17.08
CA ASP A 179 -6.16 5.48 -17.18
C ASP A 179 -5.89 4.67 -15.91
N MET A 180 -6.90 4.08 -15.28
CA MET A 180 -6.71 3.34 -14.02
C MET A 180 -7.44 2.01 -14.07
N LEU A 181 -6.81 0.91 -13.65
CA LEU A 181 -7.47 -0.38 -13.51
C LEU A 181 -7.23 -0.88 -12.09
N ILE A 182 -8.31 -1.09 -11.36
CA ILE A 182 -8.30 -1.41 -9.95
C ILE A 182 -8.88 -2.81 -9.78
N MET A 183 -8.07 -3.73 -9.26
CA MET A 183 -8.51 -5.10 -9.00
C MET A 183 -8.84 -5.19 -7.52
N LEU A 184 -10.02 -5.69 -7.18
CA LEU A 184 -10.49 -5.86 -5.79
C LEU A 184 -10.70 -7.38 -5.62
N HIS A 185 -9.69 -8.08 -5.08
CA HIS A 185 -9.72 -9.54 -4.86
C HIS A 185 -10.55 -9.83 -3.60
N GLN A 186 -11.79 -10.32 -3.75
CA GLN A 186 -12.77 -10.54 -2.68
C GLN A 186 -12.54 -11.81 -1.85
N MET A 187 -12.94 -11.78 -0.57
CA MET A 187 -13.06 -12.99 0.27
C MET A 187 -14.35 -13.65 -0.22
N GLY A 188 -15.36 -12.83 -0.52
CA GLY A 188 -16.65 -13.24 -1.09
C GLY A 188 -17.24 -14.46 -0.39
N ASN A 189 -17.41 -15.59 -1.09
CA ASN A 189 -18.06 -16.80 -0.54
C ASN A 189 -17.03 -17.86 -0.13
N HIS A 190 -15.73 -17.52 -0.12
CA HIS A 190 -14.60 -18.45 0.22
C HIS A 190 -15.00 -19.24 1.43
N GLY A 191 -14.90 -20.61 1.47
CA GLY A 191 -15.32 -21.47 2.56
C GLY A 191 -14.17 -22.10 3.29
N PRO A 192 -14.55 -23.18 4.29
CA PRO A 192 -15.88 -23.74 4.61
C PRO A 192 -16.79 -22.91 5.52
N ALA A 193 -16.24 -21.88 6.14
CA ALA A 193 -17.00 -21.10 7.12
C ALA A 193 -17.82 -19.99 6.45
N TYR A 194 -18.81 -20.40 5.63
CA TYR A 194 -19.66 -19.42 4.93
C TYR A 194 -20.29 -18.46 5.92
N PHE A 195 -20.63 -18.96 7.12
CA PHE A 195 -21.32 -18.15 8.09
C PHE A 195 -20.50 -16.97 8.55
N LYS A 196 -19.17 -16.98 8.44
CA LYS A 196 -18.32 -15.83 8.87
C LYS A 196 -18.13 -14.80 7.76
N ARG A 197 -18.55 -15.09 6.53
CA ARG A 197 -18.29 -14.24 5.33
C ARG A 197 -19.23 -13.01 5.21
N TYR A 198 -20.23 -12.85 6.07
CA TYR A 198 -21.17 -11.70 5.98
C TYR A 198 -21.57 -11.19 7.36
N ASP A 199 -21.97 -9.92 7.44
CA ASP A 199 -22.44 -9.26 8.68
C ASP A 199 -23.90 -9.65 8.92
N GLU A 200 -24.41 -9.40 10.13
CA GLU A 200 -25.79 -9.75 10.59
C GLU A 200 -26.88 -9.22 9.65
N LYS A 201 -26.69 -8.05 9.02
CA LYS A 201 -27.66 -7.41 8.09
C LYS A 201 -27.96 -8.29 6.87
N PHE A 202 -27.05 -9.18 6.44
CA PHE A 202 -27.25 -10.08 5.29
C PHE A 202 -27.65 -11.50 5.74
N ALA A 203 -27.99 -11.71 7.01
CA ALA A 203 -28.44 -13.03 7.53
C ALA A 203 -29.94 -13.17 7.26
N LYS A 204 -30.35 -13.27 5.99
CA LYS A 204 -31.76 -13.31 5.55
C LYS A 204 -32.26 -14.75 5.46
N PHE A 205 -31.40 -15.72 5.14
CA PHE A 205 -31.83 -17.10 5.04
C PHE A 205 -31.34 -17.84 6.27
N THR A 206 -32.27 -18.39 7.06
CA THR A 206 -31.94 -19.00 8.33
C THR A 206 -32.74 -20.29 8.49
N PRO A 207 -32.25 -21.21 9.31
CA PRO A 207 -30.99 -21.17 10.08
C PRO A 207 -29.75 -21.43 9.22
N VAL A 208 -28.57 -21.19 9.79
CA VAL A 208 -27.30 -21.30 9.04
C VAL A 208 -26.37 -22.35 9.67
N CYS A 209 -25.58 -23.02 8.85
CA CYS A 209 -24.56 -24.02 9.23
C CYS A 209 -23.41 -23.26 9.91
N GLU A 210 -22.89 -23.74 11.04
CA GLU A 210 -21.78 -23.03 11.75
C GLU A 210 -20.62 -23.97 12.07
N GLY A 211 -20.46 -25.05 11.30
CA GLY A 211 -19.39 -26.03 11.52
C GLY A 211 -18.48 -26.19 10.31
N ASN A 212 -17.24 -26.64 10.52
CA ASN A 212 -16.22 -26.84 9.46
C ASN A 212 -16.51 -28.16 8.72
N GLU A 213 -17.19 -29.10 9.37
CA GLU A 213 -17.59 -30.41 8.77
C GLU A 213 -18.93 -30.19 8.04
N LEU A 214 -18.86 -29.71 6.79
CA LEU A 214 -20.02 -29.35 5.93
C LEU A 214 -20.95 -30.54 5.69
N ALA A 215 -20.43 -31.77 5.63
CA ALA A 215 -21.22 -33.01 5.39
C ALA A 215 -22.15 -33.30 6.58
N LYS A 216 -21.80 -32.85 7.79
CA LYS A 216 -22.59 -33.08 9.03
C LYS A 216 -23.64 -31.97 9.22
N CYS A 217 -23.47 -30.82 8.56
CA CYS A 217 -24.41 -29.68 8.67
C CYS A 217 -25.73 -30.02 7.97
N GLU A 218 -26.87 -29.56 8.50
CA GLU A 218 -28.18 -29.79 7.85
C GLU A 218 -28.04 -29.14 6.46
N HIS A 219 -28.33 -29.86 5.38
CA HIS A 219 -28.13 -29.38 3.99
C HIS A 219 -28.72 -27.99 3.74
N GLN A 220 -29.99 -27.77 4.07
CA GLN A 220 -30.66 -26.45 3.89
C GLN A 220 -29.86 -25.36 4.62
N SER A 221 -29.42 -25.64 5.84
CA SER A 221 -28.65 -24.70 6.70
C SER A 221 -27.33 -24.32 6.01
N LEU A 222 -26.74 -25.25 5.26
CA LEU A 222 -25.48 -25.02 4.49
C LEU A 222 -25.77 -24.04 3.35
N ILE A 223 -26.82 -24.30 2.59
CA ILE A 223 -27.26 -23.46 1.43
C ILE A 223 -27.57 -22.04 1.95
N ASN A 224 -28.23 -21.96 3.10
CA ASN A 224 -28.62 -20.68 3.74
C ASN A 224 -27.37 -19.83 3.99
N ALA A 225 -26.32 -20.39 4.59
CA ALA A 225 -25.11 -19.63 4.89
C ALA A 225 -24.46 -19.17 3.60
N TYR A 226 -24.41 -20.08 2.62
CA TYR A 226 -23.84 -19.74 1.32
C TYR A 226 -24.58 -18.58 0.65
N ASP A 227 -25.90 -18.60 0.69
CA ASP A 227 -26.68 -17.58 0.03
C ASP A 227 -26.58 -16.24 0.75
N ASN A 228 -26.48 -16.27 2.08
CA ASN A 228 -26.27 -15.04 2.84
C ASN A 228 -24.95 -14.39 2.44
N ALA A 229 -23.91 -15.19 2.25
CA ALA A 229 -22.65 -14.62 1.78
C ALA A 229 -22.80 -14.00 0.40
N LEU A 230 -23.62 -14.58 -0.46
CA LEU A 230 -23.86 -13.95 -1.76
C LEU A 230 -24.51 -12.59 -1.61
N LEU A 231 -25.45 -12.44 -0.66
CA LEU A 231 -26.05 -11.13 -0.46
C LEU A 231 -25.00 -10.09 -0.08
N ALA A 232 -23.99 -10.51 0.69
CA ALA A 232 -22.91 -9.58 1.06
C ALA A 232 -22.09 -9.18 -0.16
N THR A 233 -21.90 -10.13 -1.08
CA THR A 233 -21.21 -9.84 -2.34
C THR A 233 -22.05 -8.93 -3.25
N ASP A 234 -23.36 -9.19 -3.36
CA ASP A 234 -24.22 -8.27 -4.09
C ASP A 234 -24.03 -6.84 -3.59
N ASP A 235 -24.03 -6.67 -2.27
CA ASP A 235 -23.85 -5.36 -1.66
C ASP A 235 -22.51 -4.76 -2.05
N PHE A 236 -21.45 -5.58 -2.04
CA PHE A 236 -20.12 -5.07 -2.32
C PHE A 236 -20.02 -4.60 -3.77
N ILE A 237 -20.51 -5.42 -4.71
CA ILE A 237 -20.48 -5.05 -6.13
C ILE A 237 -21.27 -3.78 -6.38
N ALA A 238 -22.48 -3.68 -5.80
CA ALA A 238 -23.28 -2.48 -5.94
C ALA A 238 -22.56 -1.24 -5.39
N GLN A 239 -21.92 -1.38 -4.22
CA GLN A 239 -21.15 -0.26 -3.68
C GLN A 239 -19.96 0.09 -4.56
N SER A 240 -19.34 -0.91 -5.22
CA SER A 240 -18.25 -0.61 -6.16
C SER A 240 -18.76 0.22 -7.34
N ILE A 241 -19.94 -0.12 -7.86
CA ILE A 241 -20.52 0.65 -8.96
C ILE A 241 -20.87 2.06 -8.49
N GLN A 242 -21.47 2.16 -7.31
CA GLN A 242 -21.81 3.46 -6.75
C GLN A 242 -20.57 4.33 -6.57
N TRP A 243 -19.46 3.72 -6.14
CA TRP A 243 -18.21 4.45 -6.04
C TRP A 243 -17.79 4.97 -7.42
N LEU A 244 -17.85 4.10 -8.44
CA LEU A 244 -17.46 4.51 -9.79
C LEU A 244 -18.36 5.64 -10.30
N GLN A 245 -19.65 5.59 -9.96
CA GLN A 245 -20.66 6.58 -10.42
C GLN A 245 -20.28 8.00 -9.97
N THR A 246 -19.51 8.15 -8.87
CA THR A 246 -19.04 9.47 -8.36
C THR A 246 -17.93 10.08 -9.24
N HIS A 247 -17.35 9.33 -10.19
CA HIS A 247 -16.31 9.82 -11.13
C HIS A 247 -16.76 9.77 -12.59
N SER A 248 -18.04 9.49 -12.86
CA SER A 248 -18.59 9.31 -14.23
C SER A 248 -18.45 10.55 -15.11
N ASN A 249 -18.39 11.76 -14.56
CA ASN A 249 -18.28 13.00 -15.37
C ASN A 249 -16.84 13.22 -15.87
N ALA A 250 -15.84 12.90 -15.03
CA ALA A 250 -14.41 13.10 -15.36
C ALA A 250 -13.79 11.85 -15.98
N TYR A 251 -14.34 10.66 -15.71
CA TYR A 251 -13.78 9.38 -16.20
C TYR A 251 -14.84 8.49 -16.86
N ASP A 252 -14.42 7.67 -17.84
CA ASP A 252 -15.27 6.64 -18.49
C ASP A 252 -15.20 5.46 -17.52
N VAL A 253 -16.27 5.13 -16.80
CA VAL A 253 -16.19 4.14 -15.72
C VAL A 253 -16.90 2.87 -16.11
N SER A 254 -16.31 1.78 -15.66
CA SER A 254 -16.86 0.47 -15.91
C SER A 254 -16.43 -0.45 -14.78
N MET A 255 -17.20 -1.55 -14.62
CA MET A 255 -16.98 -2.56 -13.58
C MET A 255 -17.17 -3.94 -14.18
N LEU A 256 -16.17 -4.80 -13.99
CA LEU A 256 -16.22 -6.19 -14.38
C LEU A 256 -16.13 -7.03 -13.13
N TYR A 257 -17.02 -8.02 -13.04
CA TYR A 257 -17.00 -9.02 -11.99
C TYR A 257 -16.93 -10.40 -12.63
N VAL A 258 -16.02 -11.24 -12.15
CA VAL A 258 -16.01 -12.65 -12.53
C VAL A 258 -15.50 -13.45 -11.34
N SER A 259 -16.18 -14.55 -10.98
CA SER A 259 -15.72 -15.41 -9.85
C SER A 259 -14.59 -16.31 -10.36
N ASP A 260 -13.62 -16.65 -9.51
CA ASP A 260 -12.47 -17.49 -9.91
C ASP A 260 -12.95 -18.93 -10.16
N HIS A 261 -13.92 -19.41 -9.42
CA HIS A 261 -14.50 -20.76 -9.62
C HIS A 261 -15.73 -20.84 -8.75
N GLY A 262 -16.59 -21.85 -9.00
CA GLY A 262 -17.82 -22.19 -8.28
C GLY A 262 -17.54 -22.94 -6.98
N GLU A 263 -18.43 -23.82 -6.57
CA GLU A 263 -18.39 -24.47 -5.26
C GLU A 263 -19.36 -25.63 -5.31
N SER A 264 -19.01 -26.76 -4.68
CA SER A 264 -19.95 -27.88 -4.44
C SER A 264 -20.58 -27.70 -3.06
N LEU A 265 -21.87 -28.02 -2.92
CA LEU A 265 -22.63 -27.88 -1.65
C LEU A 265 -23.30 -29.22 -1.34
N GLY A 266 -22.59 -30.32 -1.63
CA GLY A 266 -23.01 -31.69 -1.31
C GLY A 266 -23.48 -32.53 -2.46
N GLU A 267 -23.44 -32.02 -3.68
CA GLU A 267 -23.82 -32.83 -4.84
C GLU A 267 -22.89 -34.03 -4.98
N ASN A 268 -23.47 -35.22 -5.05
CA ASN A 268 -22.68 -36.46 -5.15
C ASN A 268 -21.64 -36.54 -4.05
N GLY A 269 -21.93 -35.95 -2.90
CA GLY A 269 -21.02 -36.06 -1.79
C GLY A 269 -19.80 -35.18 -1.87
N VAL A 270 -19.79 -34.19 -2.75
CA VAL A 270 -18.62 -33.33 -2.94
C VAL A 270 -18.89 -31.99 -2.27
N TYR A 271 -17.88 -31.48 -1.57
CA TYR A 271 -17.94 -30.16 -0.95
C TYR A 271 -16.74 -29.35 -1.37
N LEU A 272 -16.74 -28.05 -1.01
CA LEU A 272 -15.59 -27.12 -1.24
C LEU A 272 -15.23 -27.11 -2.75
N HIS A 273 -14.01 -26.79 -3.15
CA HIS A 273 -13.68 -26.74 -4.59
C HIS A 273 -12.36 -27.48 -4.82
N GLY A 274 -11.63 -27.23 -5.90
CA GLY A 274 -10.31 -27.82 -6.13
C GLY A 274 -10.39 -29.15 -6.85
N MET A 275 -11.55 -29.61 -7.30
CA MET A 275 -11.53 -30.87 -8.03
C MET A 275 -10.74 -30.71 -9.33
N PRO A 276 -9.88 -31.66 -9.68
CA PRO A 276 -9.18 -31.60 -10.96
C PRO A 276 -10.14 -31.44 -12.13
N ASN A 277 -9.77 -30.59 -13.08
CA ASN A 277 -10.65 -30.29 -14.19
C ASN A 277 -11.16 -31.55 -14.87
N ALA A 278 -10.34 -32.60 -14.92
CA ALA A 278 -10.71 -33.79 -15.67
C ALA A 278 -11.99 -34.42 -15.14
N PHE A 279 -12.27 -34.29 -13.85
CA PHE A 279 -13.51 -34.84 -13.33
C PHE A 279 -14.23 -33.81 -12.44
N ALA A 280 -13.99 -32.53 -12.68
CA ALA A 280 -14.65 -31.50 -11.88
C ALA A 280 -16.13 -31.43 -12.19
N PRO A 281 -17.00 -31.36 -11.19
CA PRO A 281 -18.43 -31.17 -11.46
C PRO A 281 -18.74 -29.77 -12.00
N LYS A 282 -19.87 -29.70 -12.70
CA LYS A 282 -20.26 -28.46 -13.36
C LYS A 282 -20.33 -27.29 -12.38
N GLU A 283 -20.81 -27.53 -11.16
CA GLU A 283 -21.00 -26.43 -10.24
C GLU A 283 -19.68 -25.81 -9.78
N GLN A 284 -18.56 -26.50 -9.95
CA GLN A 284 -17.28 -25.88 -9.60
C GLN A 284 -16.71 -25.01 -10.70
N ARG A 285 -17.22 -25.11 -11.94
CA ARG A 285 -16.71 -24.28 -13.01
C ARG A 285 -17.73 -23.31 -13.60
N SER A 286 -19.00 -23.40 -13.22
CA SER A 286 -20.01 -22.50 -13.76
C SER A 286 -20.06 -21.28 -12.84
N VAL A 287 -19.57 -20.15 -13.33
CA VAL A 287 -19.40 -18.97 -12.48
C VAL A 287 -20.23 -17.80 -12.99
N PRO A 288 -20.63 -16.89 -12.09
CA PRO A 288 -21.26 -15.64 -12.52
C PRO A 288 -20.25 -14.68 -13.12
N ALA A 289 -20.74 -13.82 -13.99
CA ALA A 289 -19.99 -12.65 -14.42
C ALA A 289 -20.99 -11.54 -14.63
N PHE A 290 -20.62 -10.32 -14.21
CA PHE A 290 -21.41 -9.11 -14.42
C PHE A 290 -20.52 -8.06 -15.05
N PHE A 291 -21.10 -7.27 -15.95
CA PHE A 291 -20.42 -6.10 -16.49
C PHE A 291 -21.33 -4.90 -16.38
N TRP A 292 -20.81 -3.81 -15.82
CA TRP A 292 -21.51 -2.54 -15.74
C TRP A 292 -20.67 -1.46 -16.43
N THR A 293 -21.33 -0.57 -17.15
CA THR A 293 -20.66 0.61 -17.65
C THR A 293 -21.66 1.78 -17.71
N ASP A 294 -21.09 2.97 -17.57
CA ASP A 294 -21.83 4.21 -17.75
C ASP A 294 -22.19 4.41 -19.21
N LYS A 295 -23.32 5.11 -19.46
CA LYS A 295 -23.80 5.23 -20.83
C LYS A 295 -22.86 6.03 -21.71
N GLN A 296 -22.01 6.86 -21.14
CA GLN A 296 -21.14 7.71 -21.95
C GLN A 296 -19.91 6.99 -22.49
N THR A 297 -19.62 5.78 -22.02
CA THR A 297 -18.32 5.17 -22.31
C THR A 297 -18.23 4.64 -23.73
N GLY A 298 -19.34 4.44 -24.42
CA GLY A 298 -19.31 3.80 -25.71
C GLY A 298 -19.02 2.32 -25.68
N ILE A 299 -18.94 1.70 -24.51
CA ILE A 299 -18.67 0.28 -24.42
C ILE A 299 -19.99 -0.46 -24.54
N THR A 300 -20.01 -1.49 -25.38
CA THR A 300 -21.21 -2.29 -25.58
CA THR A 300 -21.23 -2.28 -25.52
C THR A 300 -21.00 -3.73 -25.09
N PRO A 301 -21.82 -4.24 -24.17
CA PRO A 301 -21.68 -5.63 -23.77
C PRO A 301 -22.05 -6.59 -24.89
N MET A 302 -21.41 -7.77 -24.86
CA MET A 302 -21.83 -8.90 -25.66
C MET A 302 -23.20 -9.38 -25.16
N ALA A 303 -23.82 -10.26 -25.94
CA ALA A 303 -25.10 -10.83 -25.57
C ALA A 303 -24.99 -11.56 -24.24
N THR A 304 -26.02 -11.46 -23.40
CA THR A 304 -25.96 -12.06 -22.06
C THR A 304 -25.72 -13.57 -22.08
N ASP A 305 -26.13 -14.27 -23.14
CA ASP A 305 -26.02 -15.71 -23.20
C ASP A 305 -24.88 -16.16 -24.11
N THR A 306 -23.96 -15.26 -24.45
CA THR A 306 -22.74 -15.62 -25.14
C THR A 306 -22.01 -16.70 -24.37
N VAL A 307 -21.55 -17.73 -25.09
CA VAL A 307 -20.77 -18.79 -24.45
C VAL A 307 -19.39 -18.22 -24.11
N LEU A 308 -19.09 -18.09 -22.83
CA LEU A 308 -17.91 -17.36 -22.41
C LEU A 308 -17.11 -18.17 -21.40
N THR A 309 -15.86 -17.79 -21.25
CA THR A 309 -14.98 -18.43 -20.29
C THR A 309 -14.03 -17.39 -19.72
N HIS A 310 -13.17 -17.82 -18.81
CA HIS A 310 -12.16 -16.89 -18.29
C HIS A 310 -11.25 -16.37 -19.37
N ASP A 311 -11.15 -17.06 -20.50
CA ASP A 311 -10.34 -16.56 -21.61
C ASP A 311 -10.81 -15.21 -22.14
N ALA A 312 -12.07 -14.84 -21.87
CA ALA A 312 -12.59 -13.56 -22.30
C ALA A 312 -12.10 -12.38 -21.46
N ILE A 313 -11.49 -12.62 -20.30
CA ILE A 313 -11.13 -11.50 -19.41
C ILE A 313 -10.01 -10.67 -20.02
N THR A 314 -8.93 -11.30 -20.45
CA THR A 314 -7.81 -10.53 -20.95
C THR A 314 -8.22 -9.63 -22.11
N PRO A 315 -8.90 -10.12 -23.15
CA PRO A 315 -9.32 -9.19 -24.21
C PRO A 315 -10.31 -8.13 -23.76
N THR A 316 -11.14 -8.43 -22.76
CA THR A 316 -12.03 -7.41 -22.20
C THR A 316 -11.23 -6.27 -21.60
N LEU A 317 -10.20 -6.60 -20.79
CA LEU A 317 -9.43 -5.54 -20.14
C LEU A 317 -8.68 -4.70 -21.16
N LEU A 318 -8.13 -5.34 -22.18
CA LEU A 318 -7.42 -4.59 -23.20
C LEU A 318 -8.39 -3.68 -23.95
N LYS A 319 -9.55 -4.21 -24.33
CA LYS A 319 -10.53 -3.41 -25.08
C LYS A 319 -11.03 -2.23 -24.26
N LEU A 320 -11.18 -2.41 -22.95
CA LEU A 320 -11.67 -1.33 -22.05
C LEU A 320 -10.72 -0.13 -22.11
N PHE A 321 -9.43 -0.35 -22.36
CA PHE A 321 -8.41 0.73 -22.41
C PHE A 321 -7.94 1.01 -23.85
N ASP A 322 -8.72 0.61 -24.85
CA ASP A 322 -8.44 0.83 -26.30
C ASP A 322 -7.07 0.27 -26.65
N VAL A 323 -6.74 -0.92 -26.16
CA VAL A 323 -5.43 -1.57 -26.42
C VAL A 323 -5.68 -2.81 -27.30
N THR A 324 -4.83 -3.06 -28.30
CA THR A 324 -4.90 -4.23 -29.17
C THR A 324 -3.64 -5.04 -28.94
N ALA A 325 -3.75 -6.35 -29.09
CA ALA A 325 -2.59 -7.25 -29.02
C ALA A 325 -2.90 -8.47 -29.87
N ASP A 326 -2.02 -8.86 -30.79
CA ASP A 326 -2.27 -9.91 -31.81
C ASP A 326 -2.60 -11.26 -31.17
N LYS A 327 -2.01 -11.55 -30.01
CA LYS A 327 -2.19 -12.84 -29.28
C LYS A 327 -3.66 -13.15 -29.01
N VAL A 328 -4.49 -12.14 -28.71
CA VAL A 328 -5.94 -12.31 -28.39
C VAL A 328 -6.79 -11.55 -29.41
N LYS A 329 -6.31 -11.35 -30.64
CA LYS A 329 -7.01 -10.59 -31.67
C LYS A 329 -8.40 -11.13 -31.94
N ASP A 330 -8.54 -12.45 -32.01
CA ASP A 330 -9.80 -13.06 -32.41
C ASP A 330 -10.62 -13.50 -31.22
N ARG A 331 -10.14 -13.26 -30.02
CA ARG A 331 -10.76 -13.89 -28.86
C ARG A 331 -12.04 -13.17 -28.47
N THR A 332 -13.10 -13.95 -28.23
CA THR A 332 -14.35 -13.40 -27.72
C THR A 332 -14.13 -12.72 -26.38
N ALA A 333 -14.71 -11.55 -26.22
CA ALA A 333 -14.63 -10.83 -24.96
C ALA A 333 -16.03 -10.72 -24.37
N PHE A 334 -16.11 -10.09 -23.19
CA PHE A 334 -17.40 -9.74 -22.59
C PHE A 334 -18.05 -8.54 -23.24
N ILE A 335 -17.28 -7.75 -24.00
CA ILE A 335 -17.74 -6.52 -24.64
C ILE A 335 -17.34 -6.58 -26.11
N ARG A 336 -18.03 -5.76 -26.92
CA ARG A 336 -17.72 -5.66 -28.34
C ARG A 336 -16.44 -4.89 -28.55
N THR B 14 11.97 36.93 6.72
CA THR B 14 11.34 35.61 6.71
C THR B 14 9.91 35.68 6.17
N ILE B 15 9.58 34.79 5.23
CA ILE B 15 8.28 34.76 4.59
C ILE B 15 7.41 33.71 5.29
N TYR B 16 6.29 34.15 5.85
CA TYR B 16 5.45 33.27 6.63
C TYR B 16 4.41 32.58 5.76
N HIS B 17 4.07 31.35 6.17
CA HIS B 17 3.06 30.53 5.52
C HIS B 17 2.03 30.00 6.48
N ALA B 18 2.22 30.15 7.80
CA ALA B 18 1.30 29.65 8.79
C ALA B 18 1.13 30.67 9.91
N LYS B 19 1.13 31.96 9.56
CA LYS B 19 0.88 32.99 10.55
C LYS B 19 -0.40 32.71 11.32
N ASP B 20 -1.37 32.06 10.68
CA ASP B 20 -2.64 31.76 11.31
C ASP B 20 -2.59 30.57 12.26
N ALA B 21 -1.46 29.87 12.35
CA ALA B 21 -1.44 28.61 13.07
C ALA B 21 -1.83 28.78 14.53
N VAL B 22 -2.66 27.86 15.02
CA VAL B 22 -3.14 27.82 16.39
C VAL B 22 -2.91 26.43 16.96
N GLN B 23 -2.65 26.35 18.26
CA GLN B 23 -2.64 25.09 19.00
C GLN B 23 -3.89 25.06 19.88
N ALA B 24 -4.81 24.13 19.54
CA ALA B 24 -6.13 24.14 20.17
C ALA B 24 -6.04 23.87 21.66
N THR B 25 -5.20 22.93 22.07
CA THR B 25 -5.03 22.55 23.45
C THR B 25 -3.56 22.65 23.80
N LYS B 26 -3.28 23.05 25.04
CA LYS B 26 -1.93 23.27 25.52
C LYS B 26 -1.57 22.24 26.57
N PRO B 27 -0.28 21.98 26.81
CA PRO B 27 0.07 21.01 27.86
C PRO B 27 -0.43 21.40 29.24
N ASP B 28 -0.85 22.66 29.44
CA ASP B 28 -1.55 23.06 30.65
C ASP B 28 -2.75 22.16 30.91
N MET B 29 -3.50 21.84 29.86
CA MET B 29 -4.85 21.33 29.96
C MET B 29 -4.99 19.85 29.64
N ARG B 30 -3.93 19.22 29.12
CA ARG B 30 -3.96 17.82 28.70
C ARG B 30 -2.54 17.29 28.80
N LYS B 31 -2.39 15.99 28.57
CA LYS B 31 -1.07 15.39 28.64
C LYS B 31 -0.11 16.10 27.69
N PRO B 32 1.11 16.41 28.13
CA PRO B 32 2.11 16.90 27.18
C PRO B 32 2.39 15.83 26.13
N ARG B 33 2.89 16.27 24.98
CA ARG B 33 3.13 15.39 23.84
C ARG B 33 4.62 15.36 23.52
N LEU B 34 5.14 14.15 23.30
CA LEU B 34 6.57 13.90 23.12
C LEU B 34 6.73 13.04 21.88
N VAL B 35 7.36 13.62 20.86
CA VAL B 35 7.46 12.99 19.55
C VAL B 35 8.92 12.96 19.12
N VAL B 36 9.36 11.80 18.64
CA VAL B 36 10.63 11.65 17.94
C VAL B 36 10.36 11.50 16.46
N PHE B 37 11.03 12.32 15.66
CA PHE B 37 11.01 12.24 14.21
C PHE B 37 12.43 11.84 13.81
N VAL B 38 12.59 10.58 13.43
CA VAL B 38 13.85 10.13 12.86
C VAL B 38 13.88 10.51 11.38
N VAL B 39 14.82 11.37 11.01
CA VAL B 39 15.07 11.75 9.62
C VAL B 39 16.11 10.75 9.10
N GLY B 40 15.62 9.74 8.36
CA GLY B 40 16.46 8.69 7.81
C GLY B 40 17.37 9.17 6.70
N GLU B 41 18.29 8.31 6.25
CA GLU B 41 19.31 8.66 5.27
C GLU B 41 19.46 7.46 4.34
N THR B 42 19.22 7.64 3.04
CA THR B 42 19.56 6.66 1.97
C THR B 42 18.84 5.31 2.09
N ALA B 43 17.74 5.16 2.81
CA ALA B 43 17.03 3.85 2.90
C ALA B 43 16.03 3.71 1.73
N ARG B 44 16.03 2.56 1.04
CA ARG B 44 15.12 2.24 -0.08
C ARG B 44 13.92 1.49 0.49
N ALA B 45 12.71 1.79 0.03
CA ALA B 45 11.52 1.10 0.48
C ALA B 45 11.56 -0.40 0.16
N ASP B 46 12.10 -0.74 -1.02
CA ASP B 46 12.07 -2.14 -1.52
C ASP B 46 13.03 -3.01 -0.73
N HIS B 47 13.89 -2.45 0.13
CA HIS B 47 14.74 -3.27 1.01
C HIS B 47 14.18 -3.44 2.43
N VAL B 48 12.90 -3.09 2.68
CA VAL B 48 12.20 -3.20 3.95
C VAL B 48 11.39 -4.48 3.92
N SER B 49 11.64 -5.35 4.89
CA SER B 49 10.86 -6.58 5.03
C SER B 49 9.37 -6.32 4.91
N PHE B 50 8.85 -5.29 5.61
CA PHE B 50 7.41 -5.04 5.61
C PHE B 50 6.88 -4.73 4.20
N ASN B 51 7.74 -4.30 3.29
CA ASN B 51 7.37 -3.99 1.92
C ASN B 51 7.60 -5.17 0.98
N GLY B 52 7.86 -6.36 1.54
CA GLY B 52 8.06 -7.56 0.76
C GLY B 52 9.49 -7.93 0.42
N TYR B 53 10.47 -7.31 1.07
CA TYR B 53 11.88 -7.66 0.82
C TYR B 53 12.09 -9.10 1.30
N GLU B 54 12.95 -9.86 0.62
CA GLU B 54 13.15 -11.27 0.94
C GLU B 54 13.86 -11.47 2.26
N ARG B 55 14.63 -10.48 2.71
CA ARG B 55 15.41 -10.56 3.94
C ARG B 55 14.73 -9.81 5.07
N ASP B 56 14.92 -10.32 6.29
CA ASP B 56 14.29 -9.69 7.44
C ASP B 56 15.18 -8.56 7.91
N THR B 57 14.97 -7.38 7.31
CA THR B 57 15.80 -6.20 7.59
C THR B 57 15.29 -5.37 8.77
N PHE B 58 14.09 -5.63 9.27
CA PHE B 58 13.54 -4.93 10.42
C PHE B 58 12.96 -5.91 11.44
N PRO B 59 13.80 -6.81 11.97
CA PRO B 59 13.29 -7.79 12.94
C PRO B 59 12.86 -7.18 14.25
N GLN B 60 13.54 -6.13 14.71
CA GLN B 60 13.16 -5.54 15.99
C GLN B 60 11.85 -4.76 15.88
N LEU B 61 11.67 -3.99 14.80
CA LEU B 61 10.41 -3.28 14.65
C LEU B 61 9.25 -4.25 14.53
N ALA B 62 9.49 -5.43 13.98
CA ALA B 62 8.42 -6.40 13.79
C ALA B 62 7.84 -6.90 15.10
N LYS B 63 8.55 -6.77 16.21
CA LYS B 63 8.01 -7.25 17.47
C LYS B 63 7.37 -6.15 18.30
N ILE B 64 7.30 -4.92 17.77
CA ILE B 64 6.68 -3.80 18.48
C ILE B 64 5.27 -3.57 17.94
N ASP B 65 4.30 -3.63 18.83
CA ASP B 65 2.92 -3.39 18.44
C ASP B 65 2.71 -1.88 18.23
N GLY B 66 1.81 -1.57 17.33
CA GLY B 66 1.46 -0.19 17.09
C GLY B 66 2.34 0.48 16.08
N VAL B 67 3.11 -0.29 15.31
CA VAL B 67 3.96 0.24 14.26
C VAL B 67 3.24 0.10 12.93
N THR B 68 3.07 1.22 12.22
CA THR B 68 2.50 1.23 10.87
C THR B 68 3.62 1.41 9.87
N ASN B 69 3.67 0.54 8.86
CA ASN B 69 4.58 0.66 7.75
C ASN B 69 3.83 1.19 6.54
N PHE B 70 4.36 2.24 5.92
CA PHE B 70 3.69 2.85 4.78
C PHE B 70 4.35 2.39 3.49
N SER B 71 3.56 1.74 2.65
CA SER B 71 4.07 0.98 1.51
C SER B 71 4.18 1.79 0.22
N ASN B 72 3.82 3.07 0.22
CA ASN B 72 3.84 3.85 -1.01
C ASN B 72 4.15 5.30 -0.66
N VAL B 73 5.42 5.56 -0.40
CA VAL B 73 5.91 6.88 -0.02
C VAL B 73 7.01 7.25 -1.00
N THR B 74 6.96 8.48 -1.51
CA THR B 74 7.87 8.99 -2.51
C THR B 74 8.55 10.24 -1.98
N SER B 75 9.87 10.30 -2.06
CA SER B 75 10.58 11.45 -1.55
C SER B 75 10.44 12.65 -2.48
N CYS B 76 10.65 13.82 -1.89
CA CYS B 76 10.60 15.10 -2.61
C CYS B 76 11.73 15.21 -3.64
N GLY B 77 12.90 14.69 -3.31
CA GLY B 77 14.02 14.63 -4.24
C GLY B 77 14.92 13.45 -3.94
N THR B 78 16.12 13.47 -4.52
CA THR B 78 17.08 12.36 -4.45
C THR B 78 18.35 12.74 -3.70
N SER B 79 18.38 13.90 -3.04
CA SER B 79 19.60 14.37 -2.33
C SER B 79 19.24 14.90 -0.94
N ALA B 81 20.47 17.53 0.55
CA ALA B 81 20.41 18.99 0.33
C ALA B 81 19.02 19.38 -0.19
N TYR B 82 18.45 18.59 -1.10
CA TYR B 82 17.14 18.92 -1.68
C TYR B 82 15.99 18.43 -0.79
N SER B 83 16.08 17.20 -0.30
CA SER B 83 14.89 16.62 0.32
C SER B 83 14.65 17.17 1.71
N VAL B 84 15.69 17.38 2.52
CA VAL B 84 15.52 17.64 3.94
C VAL B 84 14.74 18.97 4.14
N PRO B 85 15.07 20.05 3.43
CA PRO B 85 14.26 21.27 3.61
C PRO B 85 12.85 21.09 3.10
N CYS B 86 12.70 20.28 2.04
CA CYS B 86 11.37 20.02 1.53
CA CYS B 86 11.37 20.02 1.52
C CYS B 86 10.51 19.28 2.53
N MET B 87 11.13 18.38 3.32
CA MET B 87 10.38 17.57 4.28
C MET B 87 9.73 18.41 5.36
N PHE B 88 10.31 19.59 5.66
CA PHE B 88 9.80 20.47 6.70
C PHE B 88 9.13 21.71 6.12
N SER B 89 9.02 21.77 4.80
CA SER B 89 8.47 22.91 4.10
C SER B 89 6.95 22.97 4.19
N TYR B 90 6.39 24.15 3.97
CA TYR B 90 4.95 24.30 3.79
C TYR B 90 4.51 24.26 2.33
N LEU B 91 5.45 24.32 1.38
CA LEU B 91 5.08 24.56 -0.01
C LEU B 91 4.70 23.31 -0.79
N GLY B 92 5.07 22.12 -0.33
CA GLY B 92 4.87 20.93 -1.11
C GLY B 92 5.86 20.82 -2.25
N ALA B 93 6.03 19.59 -2.75
CA ALA B 93 7.08 19.31 -3.72
C ALA B 93 6.88 20.07 -5.02
N ASP B 94 5.65 20.39 -5.37
CA ASP B 94 5.38 20.99 -6.68
C ASP B 94 5.78 22.45 -6.71
N GLU B 95 5.70 23.16 -5.58
CA GLU B 95 6.08 24.56 -5.48
C GLU B 95 7.40 24.78 -4.74
N TYR B 96 7.97 23.73 -4.16
CA TYR B 96 9.17 23.88 -3.37
C TYR B 96 10.34 24.33 -4.23
N ASP B 97 11.15 25.25 -3.66
CA ASP B 97 12.38 25.71 -4.29
C ASP B 97 13.51 25.55 -3.28
N VAL B 98 14.52 24.77 -3.64
CA VAL B 98 15.57 24.45 -2.68
C VAL B 98 16.36 25.71 -2.31
N ASP B 99 16.67 26.56 -3.28
CA ASP B 99 17.59 27.66 -2.99
C ASP B 99 17.00 28.68 -2.03
N THR B 100 15.69 28.92 -2.09
CA THR B 100 15.08 29.93 -1.24
C THR B 100 14.39 29.33 -0.03
N ALA B 101 14.53 28.01 0.18
CA ALA B 101 13.81 27.35 1.26
C ALA B 101 14.18 27.93 2.62
N LYS B 102 15.44 28.33 2.79
CA LYS B 102 15.87 28.79 4.10
C LYS B 102 15.28 30.14 4.49
N TYR B 103 14.64 30.86 3.56
CA TYR B 103 13.98 32.12 3.88
C TYR B 103 12.48 31.97 4.14
N GLN B 104 11.95 30.74 4.05
CA GLN B 104 10.55 30.49 4.33
C GLN B 104 10.37 30.01 5.76
N GLU B 105 9.24 30.39 6.36
CA GLU B 105 8.81 29.70 7.57
C GLU B 105 8.60 28.24 7.25
N ASN B 106 9.22 27.34 8.03
CA ASN B 106 9.03 25.87 7.92
C ASN B 106 8.19 25.43 9.12
N VAL B 107 7.86 24.15 9.24
CA VAL B 107 6.96 23.68 10.28
C VAL B 107 7.62 23.72 11.66
N LEU B 108 8.96 23.69 11.73
CA LEU B 108 9.70 23.74 13.02
C LEU B 108 9.57 25.17 13.53
N ASP B 109 9.72 26.16 12.66
CA ASP B 109 9.51 27.54 13.07
C ASP B 109 8.13 27.70 13.69
N THR B 110 7.11 27.12 13.06
CA THR B 110 5.75 27.25 13.57
C THR B 110 5.61 26.63 14.95
N LEU B 111 5.99 25.35 15.08
CA LEU B 111 5.83 24.67 16.35
C LEU B 111 6.60 25.37 17.45
N ASP B 112 7.82 25.82 17.16
CA ASP B 112 8.59 26.56 18.15
C ASP B 112 7.84 27.80 18.60
N ARG B 113 7.23 28.51 17.64
CA ARG B 113 6.49 29.72 18.00
C ARG B 113 5.33 29.41 18.92
N LEU B 114 4.65 28.27 18.71
CA LEU B 114 3.48 27.92 19.51
C LEU B 114 3.84 27.31 20.86
N GLY B 115 5.12 27.16 21.16
CA GLY B 115 5.54 26.73 22.48
C GLY B 115 6.03 25.30 22.55
N VAL B 116 6.08 24.59 21.43
CA VAL B 116 6.69 23.28 21.40
C VAL B 116 8.20 23.42 21.50
N SER B 117 8.81 22.68 22.42
CA SER B 117 10.26 22.62 22.55
C SER B 117 10.84 21.76 21.42
N ILE B 118 11.59 22.36 20.48
CA ILE B 118 12.18 21.66 19.31
C ILE B 118 13.65 21.31 19.64
N LEU B 119 14.08 20.08 19.37
CA LEU B 119 15.50 19.67 19.54
C LEU B 119 15.91 18.97 18.25
N TRP B 120 17.09 19.28 17.72
CA TRP B 120 17.59 18.66 16.46
C TRP B 120 18.99 18.10 16.72
N ARG B 121 19.13 16.78 16.93
CA ARG B 121 20.44 16.17 17.03
C ARG B 121 20.82 15.58 15.68
N ASP B 122 22.10 15.67 15.33
CA ASP B 122 22.55 15.34 13.97
C ASP B 122 23.78 14.42 13.87
N ASN B 123 23.62 13.20 13.34
CA ASN B 123 24.75 12.28 13.08
C ASN B 123 24.93 12.08 11.57
N ASN B 124 24.47 13.04 10.75
CA ASN B 124 24.49 12.95 9.25
C ASN B 124 25.36 14.04 8.61
N SER B 125 25.04 15.32 8.85
CA SER B 125 25.77 16.54 8.38
C SER B 125 25.18 17.74 9.17
N ASP B 126 24.06 18.35 8.76
CA ASP B 126 23.37 19.37 9.52
C ASP B 126 21.92 19.38 9.02
N SER B 127 21.08 20.27 9.55
CA SER B 127 19.64 20.38 9.21
C SER B 127 19.40 20.99 7.82
N LYS B 128 20.44 21.29 7.03
CA LYS B 128 20.29 21.85 5.69
C LYS B 128 19.41 23.10 5.69
N GLY B 129 19.59 23.98 6.68
CA GLY B 129 18.87 25.27 6.75
C GLY B 129 17.59 25.25 7.57
N VAL B 130 17.07 24.08 7.94
CA VAL B 130 15.75 23.95 8.64
C VAL B 130 15.79 24.58 10.04
N MET B 131 16.90 24.47 10.76
CA MET B 131 17.02 24.99 12.15
C MET B 131 17.72 26.34 12.22
N ASP B 132 18.05 26.97 11.09
CA ASP B 132 18.80 28.25 11.03
C ASP B 132 18.12 29.40 11.79
N LYS B 133 16.79 29.47 11.82
CA LYS B 133 16.05 30.58 12.47
C LYS B 133 15.86 30.31 13.96
N LEU B 134 15.77 29.04 14.37
CA LEU B 134 15.62 28.63 15.78
C LEU B 134 16.99 28.77 16.45
N PRO B 135 17.20 29.10 17.92
CA PRO B 135 18.46 29.24 18.67
C PRO B 135 19.45 28.12 18.38
N LYS B 136 20.76 28.47 18.35
CA LYS B 136 21.86 27.54 18.03
C LYS B 136 21.92 26.43 19.08
N ALA B 137 21.39 26.66 20.29
CA ALA B 137 21.44 25.66 21.34
C ALA B 137 20.46 24.52 21.11
N GLN B 138 19.44 24.72 20.27
CA GLN B 138 18.40 23.70 19.96
C GLN B 138 18.92 22.73 18.90
N PHE B 139 20.08 23.01 18.27
CA PHE B 139 20.74 22.10 17.30
C PHE B 139 22.02 21.54 17.94
N ALA B 140 22.27 20.23 17.84
CA ALA B 140 23.46 19.59 18.42
C ALA B 140 24.11 18.65 17.41
N ASP B 141 25.40 18.83 17.21
CA ASP B 141 26.18 17.98 16.32
C ASP B 141 26.59 16.71 17.05
N TYR B 142 26.08 15.56 16.60
CA TYR B 142 26.41 14.26 17.17
C TYR B 142 27.35 13.45 16.27
N LYS B 143 28.00 14.10 15.31
CA LYS B 143 28.97 13.41 14.47
C LYS B 143 30.34 13.31 15.14
N SER B 144 30.57 14.01 16.24
CA SER B 144 31.85 13.94 16.94
C SER B 144 31.71 13.42 18.37
N ALA B 145 32.84 12.95 18.91
CA ALA B 145 32.85 12.43 20.26
C ALA B 145 32.66 13.52 21.32
N THR B 146 32.63 14.79 20.95
CA THR B 146 32.37 15.81 21.98
C THR B 146 30.96 15.64 22.55
N ASN B 147 30.01 15.24 21.72
CA ASN B 147 28.64 15.04 22.15
C ASN B 147 28.20 13.58 22.11
N ASN B 148 28.77 12.77 21.23
CA ASN B 148 28.31 11.40 21.02
C ASN B 148 29.24 10.47 21.79
N ALA B 149 28.67 9.74 22.76
CA ALA B 149 29.42 8.77 23.57
C ALA B 149 29.66 7.44 22.86
N ILE B 150 29.11 7.25 21.65
CA ILE B 150 29.18 5.99 20.94
C ILE B 150 29.89 6.15 19.60
N CYS B 151 31.19 6.45 19.66
CA CYS B 151 32.04 6.51 18.49
C CYS B 151 33.21 5.52 18.51
N ASN B 152 33.44 4.79 19.61
CA ASN B 152 34.60 3.90 19.69
C ASN B 152 34.21 2.43 19.67
N THR B 153 33.08 2.12 19.05
CA THR B 153 32.57 0.78 18.92
C THR B 153 32.98 0.12 17.61
N ASN B 154 33.80 0.77 16.80
CA ASN B 154 34.11 0.26 15.47
C ASN B 154 35.49 0.73 15.06
N PRO B 155 36.11 0.04 14.11
CA PRO B 155 37.49 0.39 13.72
C PRO B 155 37.62 1.74 13.04
N TYR B 156 36.52 2.31 12.55
CA TYR B 156 36.54 3.59 11.84
C TYR B 156 36.36 4.78 12.78
N ASN B 157 36.13 4.53 14.07
CA ASN B 157 35.92 5.61 15.07
C ASN B 157 34.77 6.50 14.57
N GLU B 158 33.76 5.88 13.95
CA GLU B 158 32.59 6.59 13.38
C GLU B 158 31.48 6.67 14.43
N CYS B 159 30.92 7.87 14.67
CA CYS B 159 29.86 8.13 15.66
C CYS B 159 28.57 7.42 15.21
N ARG B 160 27.87 6.72 16.12
CA ARG B 160 26.67 5.91 15.79
C ARG B 160 25.38 6.68 16.13
N ASP B 161 24.29 6.38 15.41
CA ASP B 161 22.96 7.01 15.55
C ASP B 161 22.43 6.80 16.97
N VAL B 162 22.67 5.63 17.58
CA VAL B 162 22.20 5.25 18.96
C VAL B 162 22.76 6.20 20.03
N GLY B 163 23.92 6.83 19.80
CA GLY B 163 24.52 7.84 20.70
C GLY B 163 23.64 9.07 20.87
N MET B 164 22.79 9.40 19.89
CA MET B 164 21.80 10.50 19.92
C MET B 164 20.69 10.21 20.96
N LEU B 165 20.48 8.97 21.39
CA LEU B 165 19.49 8.62 22.44
C LEU B 165 20.05 8.92 23.84
N VAL B 166 21.37 9.02 24.02
CA VAL B 166 21.95 9.23 25.34
C VAL B 166 21.60 10.65 25.81
N GLY B 167 21.14 10.76 27.04
CA GLY B 167 20.82 12.06 27.60
C GLY B 167 19.46 12.61 27.24
N LEU B 168 18.63 11.84 26.52
CA LEU B 168 17.31 12.36 26.21
C LEU B 168 16.43 12.45 27.46
N ASP B 169 16.62 11.58 28.45
CA ASP B 169 15.87 11.71 29.69
C ASP B 169 16.21 13.02 30.38
N ASP B 170 17.47 13.45 30.28
CA ASP B 170 17.84 14.74 30.85
C ASP B 170 17.13 15.87 30.09
N PHE B 171 16.99 15.71 28.78
CA PHE B 171 16.27 16.72 28.00
C PHE B 171 14.80 16.79 28.41
N VAL B 172 14.16 15.65 28.58
CA VAL B 172 12.76 15.65 29.00
C VAL B 172 12.62 16.26 30.38
N ALA B 173 13.56 15.96 31.28
CA ALA B 173 13.50 16.52 32.62
C ALA B 173 13.61 18.04 32.57
N ALA B 174 14.54 18.54 31.76
CA ALA B 174 14.70 19.96 31.60
C ALA B 174 13.48 20.64 30.97
N ASN B 175 12.64 19.91 30.24
CA ASN B 175 11.46 20.50 29.61
C ASN B 175 10.18 19.90 30.18
N ASN B 176 10.26 19.40 31.42
CA ASN B 176 9.19 18.61 32.01
C ASN B 176 7.85 19.31 31.87
N GLY B 177 6.88 18.59 31.32
CA GLY B 177 5.55 19.12 31.17
C GLY B 177 5.28 19.87 29.87
N LYS B 178 6.31 20.24 29.11
CA LYS B 178 6.14 20.90 27.82
C LYS B 178 5.92 19.88 26.70
N ASP B 179 5.29 20.32 25.63
CA ASP B 179 5.30 19.57 24.38
C ASP B 179 6.70 19.57 23.79
N MET B 180 7.13 18.43 23.23
CA MET B 180 8.50 18.28 22.76
C MET B 180 8.53 17.54 21.44
N LEU B 181 9.27 18.06 20.47
CA LEU B 181 9.51 17.40 19.20
C LEU B 181 11.00 17.27 18.99
N ILE B 182 11.50 16.04 18.89
CA ILE B 182 12.92 15.74 18.80
C ILE B 182 13.21 15.13 17.44
N MET B 183 13.98 15.85 16.60
CA MET B 183 14.43 15.34 15.29
C MET B 183 15.80 14.67 15.52
N LEU B 184 15.97 13.41 15.14
CA LEU B 184 17.24 12.66 15.20
C LEU B 184 17.65 12.42 13.75
N HIS B 185 18.58 13.20 13.21
CA HIS B 185 19.02 13.11 11.80
C HIS B 185 20.10 12.01 11.68
N GLN B 186 19.76 10.83 11.16
CA GLN B 186 20.60 9.62 11.08
C GLN B 186 21.69 9.64 9.99
N MET B 187 22.83 8.99 10.26
CA MET B 187 23.84 8.66 9.24
C MET B 187 23.21 7.52 8.43
N GLY B 188 22.53 6.62 9.14
CA GLY B 188 21.78 5.48 8.60
C GLY B 188 22.53 4.73 7.52
N ASN B 189 22.06 4.74 6.27
CA ASN B 189 22.67 3.95 5.17
C ASN B 189 23.51 4.83 4.23
N HIS B 190 23.91 6.04 4.65
CA HIS B 190 24.68 7.02 3.86
C HIS B 190 25.74 6.30 3.01
N GLY B 191 25.73 6.47 1.69
CA GLY B 191 26.72 5.83 0.82
C GLY B 191 28.01 6.62 0.77
N PRO B 192 29.16 6.01 -0.05
CA PRO B 192 29.31 4.67 -0.61
C PRO B 192 29.74 3.56 0.35
N ALA B 193 30.28 3.95 1.50
CA ALA B 193 30.94 2.96 2.36
C ALA B 193 29.90 2.37 3.33
N TYR B 194 28.98 1.59 2.76
CA TYR B 194 27.92 0.99 3.56
C TYR B 194 28.50 0.19 4.71
N PHE B 195 29.63 -0.48 4.47
CA PHE B 195 30.21 -1.37 5.47
C PHE B 195 30.67 -0.62 6.71
N LYS B 196 30.87 0.70 6.63
CA LYS B 196 31.27 1.53 7.80
C LYS B 196 30.06 2.01 8.62
N ARG B 197 28.83 1.84 8.11
CA ARG B 197 27.59 2.40 8.73
C ARG B 197 27.03 1.59 9.91
N TYR B 198 27.57 0.42 10.24
CA TYR B 198 27.03 -0.40 11.36
C TYR B 198 28.15 -1.14 12.10
N ASP B 199 27.88 -1.52 13.35
CA ASP B 199 28.83 -2.27 14.18
C ASP B 199 28.70 -3.78 13.91
N GLU B 200 29.67 -4.55 14.45
CA GLU B 200 29.69 -5.98 14.17
C GLU B 200 28.42 -6.71 14.60
N LYS B 201 27.75 -6.22 15.64
CA LYS B 201 26.46 -6.72 16.09
C LYS B 201 25.44 -6.89 14.98
N PHE B 202 25.58 -6.18 13.85
CA PHE B 202 24.62 -6.22 12.75
C PHE B 202 25.22 -6.77 11.46
N ALA B 203 26.42 -7.36 11.51
CA ALA B 203 27.03 -7.92 10.30
C ALA B 203 26.45 -9.31 10.02
N LYS B 204 25.15 -9.33 9.77
CA LYS B 204 24.42 -10.59 9.59
C LYS B 204 24.64 -11.16 8.20
N PHE B 205 24.69 -10.30 7.18
CA PHE B 205 24.83 -10.74 5.80
C PHE B 205 26.27 -10.55 5.36
N THR B 206 26.91 -11.65 5.00
CA THR B 206 28.33 -11.67 4.65
C THR B 206 28.50 -12.56 3.42
N PRO B 207 29.55 -12.33 2.63
CA PRO B 207 30.55 -11.26 2.81
C PRO B 207 30.03 -9.87 2.45
N VAL B 208 30.78 -8.83 2.78
CA VAL B 208 30.41 -7.46 2.46
C VAL B 208 31.46 -6.87 1.55
N CYS B 209 31.04 -6.04 0.61
CA CYS B 209 32.01 -5.24 -0.12
C CYS B 209 32.61 -4.22 0.83
N GLU B 210 33.93 -4.17 0.84
CA GLU B 210 34.66 -3.44 1.89
C GLU B 210 35.51 -2.38 1.22
N GLY B 211 36.53 -1.93 1.93
CA GLY B 211 37.59 -1.14 1.35
C GLY B 211 37.14 -0.05 0.39
N ASN B 212 38.09 0.37 -0.44
CA ASN B 212 37.94 1.59 -1.22
C ASN B 212 37.15 1.38 -2.50
N GLU B 213 37.27 0.22 -3.13
CA GLU B 213 36.94 0.05 -4.54
C GLU B 213 35.53 -0.48 -4.70
N LEU B 214 34.67 0.33 -5.30
CA LEU B 214 33.29 -0.09 -5.57
C LEU B 214 33.25 -1.12 -6.70
N ALA B 215 33.95 -0.82 -7.80
CA ALA B 215 33.97 -1.73 -8.94
C ALA B 215 34.17 -3.17 -8.48
N LYS B 216 35.13 -3.37 -7.57
CA LYS B 216 35.46 -4.73 -7.11
C LYS B 216 34.22 -5.45 -6.60
N CYS B 217 33.34 -4.75 -5.91
CA CYS B 217 32.30 -5.40 -5.12
C CYS B 217 31.52 -6.43 -5.93
N GLU B 218 31.67 -7.71 -5.60
CA GLU B 218 30.64 -8.67 -5.95
C GLU B 218 29.29 -8.04 -5.60
N HIS B 219 28.31 -8.18 -6.50
CA HIS B 219 27.09 -7.42 -6.32
C HIS B 219 26.38 -7.80 -5.01
N GLN B 220 26.30 -9.10 -4.72
CA GLN B 220 25.65 -9.54 -3.49
C GLN B 220 26.35 -8.98 -2.26
N SER B 221 27.67 -8.83 -2.31
CA SER B 221 28.39 -8.33 -1.16
CA SER B 221 28.40 -8.32 -1.16
C SER B 221 28.11 -6.85 -0.92
N LEU B 222 27.86 -6.08 -1.99
CA LEU B 222 27.44 -4.70 -1.83
C LEU B 222 26.06 -4.64 -1.19
N ILE B 223 25.15 -5.48 -1.71
CA ILE B 223 23.76 -5.61 -1.20
C ILE B 223 23.86 -6.06 0.26
N ASN B 224 24.83 -6.90 0.60
CA ASN B 224 24.97 -7.40 1.96
C ASN B 224 25.27 -6.27 2.93
N ALA B 225 26.25 -5.44 2.59
CA ALA B 225 26.60 -4.31 3.46
C ALA B 225 25.42 -3.38 3.62
N TYR B 226 24.69 -3.13 2.53
CA TYR B 226 23.54 -2.23 2.59
C TYR B 226 22.47 -2.78 3.53
N ASP B 227 22.21 -4.07 3.49
CA ASP B 227 21.18 -4.64 4.36
C ASP B 227 21.64 -4.66 5.82
N ASN B 228 22.93 -4.87 6.06
CA ASN B 228 23.44 -4.82 7.43
C ASN B 228 23.24 -3.44 8.03
N ALA B 229 23.44 -2.40 7.23
CA ALA B 229 23.21 -1.05 7.69
C ALA B 229 21.75 -0.83 8.04
N LEU B 230 20.86 -1.45 7.28
CA LEU B 230 19.44 -1.35 7.61
C LEU B 230 19.13 -2.01 8.95
N LEU B 231 19.79 -3.12 9.26
CA LEU B 231 19.58 -3.75 10.55
C LEU B 231 19.96 -2.80 11.69
N ALA B 232 21.02 -2.04 11.50
CA ALA B 232 21.42 -1.06 12.51
C ALA B 232 20.37 0.04 12.63
N THR B 233 19.74 0.43 11.53
CA THR B 233 18.64 1.41 11.59
C THR B 233 17.39 0.84 12.26
N ASP B 234 17.05 -0.43 11.98
CA ASP B 234 15.99 -1.10 12.70
C ASP B 234 16.24 -1.04 14.20
N ASP B 235 17.49 -1.33 14.60
CA ASP B 235 17.81 -1.26 16.03
C ASP B 235 17.61 0.16 16.57
N PHE B 236 18.10 1.15 15.82
CA PHE B 236 18.01 2.54 16.29
C PHE B 236 16.57 2.99 16.46
N ILE B 237 15.71 2.72 15.46
CA ILE B 237 14.29 3.06 15.58
C ILE B 237 13.63 2.31 16.73
N ALA B 238 13.87 0.98 16.84
CA ALA B 238 13.32 0.21 17.95
C ALA B 238 13.73 0.81 19.29
N GLN B 239 15.01 1.17 19.43
CA GLN B 239 15.45 1.76 20.70
C GLN B 239 14.81 3.13 20.92
N SER B 240 14.58 3.88 19.84
CA SER B 240 13.88 5.14 19.96
C SER B 240 12.48 4.93 20.50
N ILE B 241 11.77 3.91 19.98
CA ILE B 241 10.44 3.60 20.48
C ILE B 241 10.49 3.14 21.93
N GLN B 242 11.43 2.27 22.25
CA GLN B 242 11.54 1.78 23.63
C GLN B 242 11.81 2.93 24.59
N TRP B 243 12.63 3.89 24.17
CA TRP B 243 12.85 5.06 25.00
C TRP B 243 11.55 5.83 25.21
N LEU B 244 10.80 6.09 24.12
CA LEU B 244 9.52 6.77 24.25
C LEU B 244 8.57 6.02 25.18
N GLN B 245 8.61 4.69 25.15
CA GLN B 245 7.71 3.89 25.97
C GLN B 245 7.94 4.10 27.47
N THR B 246 9.15 4.48 27.87
CA THR B 246 9.39 4.78 29.28
C THR B 246 8.72 6.06 29.72
N HIS B 247 8.18 6.87 28.80
CA HIS B 247 7.54 8.13 29.14
C HIS B 247 6.04 8.12 28.84
N SER B 248 5.46 6.96 28.57
CA SER B 248 4.12 6.90 28.01
C SER B 248 3.03 7.25 29.02
N ASN B 249 3.32 7.07 30.31
CA ASN B 249 2.34 7.40 31.34
C ASN B 249 2.21 8.91 31.51
N ALA B 250 3.33 9.65 31.39
CA ALA B 250 3.33 11.08 31.60
C ALA B 250 3.12 11.86 30.31
N TYR B 251 3.51 11.29 29.17
CA TYR B 251 3.50 11.97 27.90
C TYR B 251 2.75 11.13 26.89
N ASP B 252 2.07 11.81 25.95
CA ASP B 252 1.56 11.16 24.74
C ASP B 252 2.72 11.02 23.76
N VAL B 253 3.20 9.80 23.57
CA VAL B 253 4.42 9.54 22.81
C VAL B 253 4.10 8.94 21.45
N SER B 254 4.85 9.38 20.45
CA SER B 254 4.75 8.90 19.07
C SER B 254 6.12 9.00 18.41
N MET B 255 6.30 8.19 17.37
CA MET B 255 7.54 8.19 16.60
C MET B 255 7.19 8.18 15.12
N LEU B 256 7.74 9.14 14.36
CA LEU B 256 7.73 9.13 12.91
C LEU B 256 9.13 8.88 12.37
N TYR B 257 9.22 7.98 11.40
CA TYR B 257 10.43 7.79 10.61
C TYR B 257 10.13 8.00 9.14
N VAL B 258 10.95 8.79 8.46
CA VAL B 258 10.90 8.87 7.00
C VAL B 258 12.31 9.05 6.46
N SER B 259 12.70 8.33 5.40
CA SER B 259 14.05 8.47 4.79
C SER B 259 14.04 9.67 3.84
N ASP B 260 15.15 10.40 3.75
CA ASP B 260 15.26 11.62 2.90
C ASP B 260 15.23 11.23 1.42
N HIS B 261 15.81 10.12 1.03
CA HIS B 261 15.74 9.65 -0.38
C HIS B 261 16.16 8.20 -0.38
N GLY B 262 15.90 7.47 -1.50
CA GLY B 262 16.29 6.09 -1.78
C GLY B 262 17.75 6.00 -2.22
N GLU B 263 18.10 4.99 -2.97
CA GLU B 263 19.47 4.70 -3.36
C GLU B 263 19.43 3.73 -4.53
N SER B 264 20.27 3.96 -5.53
CA SER B 264 20.46 2.99 -6.60
C SER B 264 21.56 2.02 -6.22
N LEU B 265 21.37 0.75 -6.53
CA LEU B 265 22.32 -0.32 -6.15
C LEU B 265 22.58 -1.17 -7.38
N GLY B 266 23.01 -0.55 -8.48
CA GLY B 266 23.48 -1.27 -9.65
C GLY B 266 22.50 -1.37 -10.80
N GLU B 267 21.23 -1.01 -10.60
CA GLU B 267 20.26 -1.05 -11.68
C GLU B 267 20.77 -0.26 -12.88
N ASN B 268 20.93 -0.94 -14.02
CA ASN B 268 21.43 -0.32 -15.25
C ASN B 268 22.70 0.48 -15.00
N GLY B 269 23.51 0.02 -14.06
CA GLY B 269 24.82 0.59 -13.81
C GLY B 269 24.84 1.87 -13.01
N VAL B 270 23.72 2.28 -12.40
CA VAL B 270 23.68 3.51 -11.60
C VAL B 270 23.84 3.16 -10.13
N TYR B 271 24.65 3.94 -9.44
CA TYR B 271 24.95 3.78 -8.01
C TYR B 271 24.70 5.12 -7.33
N LEU B 272 24.71 5.12 -5.99
CA LEU B 272 24.62 6.32 -5.11
C LEU B 272 23.29 7.07 -5.37
N HIS B 273 23.18 8.39 -5.19
CA HIS B 273 21.89 9.09 -5.38
C HIS B 273 22.17 10.46 -6.03
N GLY B 274 21.25 11.42 -5.94
CA GLY B 274 21.43 12.80 -6.41
C GLY B 274 21.05 13.01 -7.87
N MET B 275 20.47 12.02 -8.57
CA MET B 275 20.16 12.31 -9.97
C MET B 275 18.92 13.22 -10.07
N PRO B 276 18.86 14.06 -11.11
CA PRO B 276 17.71 14.97 -11.24
C PRO B 276 16.38 14.24 -11.22
N ASN B 277 15.40 14.87 -10.55
CA ASN B 277 14.10 14.22 -10.36
C ASN B 277 13.51 13.76 -11.69
N ALA B 278 13.69 14.55 -12.74
CA ALA B 278 13.02 14.24 -14.01
C ALA B 278 13.55 12.95 -14.62
N PHE B 279 14.82 12.60 -14.34
CA PHE B 279 15.44 11.42 -14.92
C PHE B 279 15.88 10.40 -13.87
N ALA B 280 15.58 10.66 -12.59
CA ALA B 280 16.00 9.74 -11.53
C ALA B 280 15.22 8.43 -11.60
N PRO B 281 15.88 7.29 -11.41
CA PRO B 281 15.14 6.02 -11.35
C PRO B 281 14.27 5.95 -10.11
N LYS B 282 13.28 5.06 -10.17
CA LYS B 282 12.27 4.98 -9.12
C LYS B 282 12.89 4.66 -7.77
N GLU B 283 13.97 3.87 -7.76
CA GLU B 283 14.54 3.44 -6.49
C GLU B 283 15.22 4.59 -5.75
N GLN B 284 15.56 5.68 -6.43
CA GLN B 284 16.12 6.84 -5.75
C GLN B 284 15.08 7.68 -5.01
N ARG B 285 13.79 7.48 -5.27
CA ARG B 285 12.76 8.24 -4.58
C ARG B 285 11.76 7.40 -3.80
N SER B 286 11.81 6.08 -3.90
CA SER B 286 10.91 5.20 -3.15
C SER B 286 11.47 5.01 -1.76
N VAL B 287 10.80 5.55 -0.74
CA VAL B 287 11.39 5.55 0.60
C VAL B 287 10.50 4.86 1.62
N PRO B 288 11.06 4.26 2.67
CA PRO B 288 10.21 3.76 3.76
C PRO B 288 9.71 4.88 4.66
N ALA B 289 8.63 4.61 5.36
CA ALA B 289 8.14 5.48 6.42
C ALA B 289 7.44 4.60 7.44
N PHE B 290 7.69 4.87 8.72
CA PHE B 290 7.03 4.14 9.79
C PHE B 290 6.42 5.15 10.76
N PHE B 291 5.28 4.80 11.34
CA PHE B 291 4.69 5.62 12.38
C PHE B 291 4.33 4.72 13.56
N TRP B 292 4.74 5.13 14.76
CA TRP B 292 4.41 4.39 15.97
C TRP B 292 3.80 5.36 16.95
N THR B 293 2.79 4.90 17.70
CA THR B 293 2.23 5.70 18.77
C THR B 293 1.73 4.78 19.86
N ASP B 294 1.84 5.25 21.09
CA ASP B 294 1.25 4.53 22.21
C ASP B 294 -0.27 4.54 22.10
N LYS B 295 -0.86 3.49 22.65
CA LYS B 295 -2.31 3.29 22.59
C LYS B 295 -3.06 4.47 23.19
N GLN B 296 -2.48 5.12 24.21
CA GLN B 296 -3.18 6.15 24.97
C GLN B 296 -3.32 7.47 24.22
N THR B 297 -2.57 7.68 23.15
CA THR B 297 -2.49 9.01 22.58
C THR B 297 -3.77 9.42 21.89
N GLY B 298 -4.55 8.47 21.38
CA GLY B 298 -5.68 8.80 20.55
C GLY B 298 -5.35 9.07 19.10
N ILE B 299 -4.07 9.01 18.73
CA ILE B 299 -3.67 9.18 17.35
C ILE B 299 -3.92 7.88 16.60
N THR B 300 -4.49 7.99 15.40
CA THR B 300 -4.75 6.83 14.55
CA THR B 300 -4.73 6.83 14.57
C THR B 300 -4.00 7.00 13.24
N PRO B 301 -3.27 6.00 12.77
CA PRO B 301 -2.59 6.13 11.48
C PRO B 301 -3.58 6.10 10.34
N MET B 302 -3.14 6.61 9.20
CA MET B 302 -3.88 6.46 7.92
C MET B 302 -3.59 5.04 7.44
N ALA B 303 -4.39 4.56 6.49
CA ALA B 303 -4.22 3.22 5.89
C ALA B 303 -2.74 3.06 5.47
N THR B 304 -2.13 1.89 5.71
CA THR B 304 -0.72 1.62 5.36
C THR B 304 -0.44 1.89 3.87
N ASP B 305 -1.43 1.74 2.99
CA ASP B 305 -1.24 1.91 1.54
C ASP B 305 -1.56 3.32 1.00
N THR B 306 -1.86 4.27 1.87
CA THR B 306 -2.08 5.63 1.42
C THR B 306 -0.97 6.11 0.49
N VAL B 307 -1.33 6.72 -0.63
CA VAL B 307 -0.31 7.28 -1.53
C VAL B 307 0.23 8.54 -0.85
N LEU B 308 1.51 8.49 -0.50
CA LEU B 308 2.11 9.51 0.36
C LEU B 308 3.44 10.00 -0.22
N THR B 309 3.82 11.22 0.20
CA THR B 309 5.07 11.84 -0.17
C THR B 309 5.63 12.60 1.03
N HIS B 310 6.79 13.21 0.84
CA HIS B 310 7.31 14.08 1.89
C HIS B 310 6.37 15.23 2.21
N ASP B 311 5.46 15.61 1.28
CA ASP B 311 4.49 16.65 1.61
C ASP B 311 3.63 16.31 2.81
N ALA B 312 3.51 15.03 3.17
CA ALA B 312 2.69 14.63 4.32
C ALA B 312 3.34 14.90 5.67
N ILE B 313 4.64 15.21 5.71
CA ILE B 313 5.32 15.32 6.99
C ILE B 313 4.84 16.56 7.75
N THR B 314 4.77 17.71 7.09
CA THR B 314 4.36 18.93 7.80
C THR B 314 2.97 18.80 8.41
N PRO B 315 1.93 18.36 7.70
CA PRO B 315 0.63 18.25 8.37
C PRO B 315 0.61 17.18 9.47
N THR B 316 1.45 16.14 9.35
CA THR B 316 1.56 15.13 10.40
C THR B 316 2.09 15.74 11.69
N LEU B 317 3.20 16.48 11.58
CA LEU B 317 3.79 17.08 12.76
C LEU B 317 2.82 18.09 13.38
N LEU B 318 2.13 18.87 12.55
CA LEU B 318 1.14 19.79 13.10
C LEU B 318 0.04 19.02 13.83
N LYS B 319 -0.50 17.98 13.19
CA LYS B 319 -1.59 17.22 13.83
C LYS B 319 -1.14 16.60 15.14
N LEU B 320 0.10 16.12 15.19
CA LEU B 320 0.55 15.44 16.40
C LEU B 320 0.48 16.38 17.60
N PHE B 321 0.60 17.69 17.38
CA PHE B 321 0.59 18.66 18.46
C PHE B 321 -0.68 19.51 18.47
N ASP B 322 -1.72 19.08 17.76
CA ASP B 322 -3.03 19.75 17.79
C ASP B 322 -2.95 21.16 17.23
N VAL B 323 -2.23 21.32 16.12
CA VAL B 323 -2.01 22.61 15.49
C VAL B 323 -2.69 22.61 14.12
N THR B 324 -3.49 23.65 13.87
CA THR B 324 -4.14 23.85 12.57
C THR B 324 -3.48 25.00 11.85
N ALA B 325 -3.31 24.83 10.54
CA ALA B 325 -2.70 25.84 9.68
C ALA B 325 -3.43 25.74 8.33
N ASP B 326 -4.00 26.86 7.88
CA ASP B 326 -4.85 26.80 6.69
C ASP B 326 -4.09 26.25 5.48
N LYS B 327 -2.80 26.53 5.38
CA LYS B 327 -2.04 26.16 4.19
C LYS B 327 -2.03 24.65 3.97
N VAL B 328 -2.15 23.86 5.02
CA VAL B 328 -2.13 22.40 4.89
C VAL B 328 -3.44 21.79 5.37
N LYS B 329 -4.49 22.60 5.46
CA LYS B 329 -5.81 22.14 5.87
C LYS B 329 -6.22 20.89 5.12
N ASP B 330 -6.01 20.85 3.81
CA ASP B 330 -6.53 19.80 2.96
C ASP B 330 -5.55 18.67 2.75
N ARG B 331 -4.39 18.70 3.39
CA ARG B 331 -3.26 17.89 2.96
C ARG B 331 -3.26 16.54 3.65
N THR B 332 -3.07 15.49 2.87
CA THR B 332 -2.98 14.15 3.43
C THR B 332 -1.78 14.10 4.37
N ALA B 333 -1.97 13.49 5.52
CA ALA B 333 -0.89 13.25 6.47
C ALA B 333 -0.67 11.75 6.63
N PHE B 334 0.30 11.39 7.49
CA PHE B 334 0.47 9.99 7.86
C PHE B 334 -0.53 9.53 8.91
N ILE B 335 -1.21 10.47 9.59
CA ILE B 335 -2.23 10.17 10.64
C ILE B 335 -3.53 10.92 10.32
N ARG B 336 -4.63 10.50 10.95
CA ARG B 336 -5.98 11.11 10.78
C ARG B 336 -6.04 12.39 11.61
#